data_7O6B
#
_entry.id   7O6B
#
_cell.length_a   1.00
_cell.length_b   1.00
_cell.length_c   1.00
_cell.angle_alpha   90.00
_cell.angle_beta   90.00
_cell.angle_gamma   90.00
#
_symmetry.space_group_name_H-M   'P 1'
#
_entity_poly.entity_id   1
_entity_poly.type   'polypeptide(L)'
_entity_poly.pdbx_seq_one_letter_code
;GIDPFTDIYDLEDLKKNLMTEGDMKIRKTDIPERYQELRAGITDYGNMSSEDQELERNWIAEKISVDKNFDANYDLTEFK
EAIGNAIKFITKENLEVPFIYAYRRNYISSREKDGFLLTEDDLWDIVSLDIEFHSLVNKKDYVQRFYAELHIDDPIVTEY
FKNQNTASIAELNSLQDIYDYLEFKYANEINEMFINHTGKTGKKHLKNSSYEKFKASPLYQAVSDIGISAEDVGENISSQ
HQIHPPVDHPSSKPVEVIESILNANSGDLQVFTSNTKLAIDTVQKYYSLELSKNTKIREKVRSDFSKYYLADVVLTAKGK
KEIQKGSLYEDIKYAINRTPMHFRRDPDVFLKMVEAESLNLLSVKLHMSSQAQYIEHLFQIALETTNTSDIAIEWNNFRK
LAFNQAMDKIFQDISQEVKDNLTKNCQKLVAKTVRHKFMTKLDQAPFIPNVRDPKIPKILSLTCGQGRFGADAIIAVYVN
RKGDFIRDYKIVDNPFDKTNPEKFEDTLDNIIQSCQPNAIGINGPNPKTQKFYKRLQEVLHKKQIVDSRGHTIPIIYVED
EVAIRYQNSERAAQEFPNKPPLVKYCIALARYMHSPLLEYANLTSEEVRSLSIHPHQNLLSSEQLSWALETAFVDIVNLV
SVEVNKATDNNYYASALKYISGFGKRKAIDFLQSLQRLNEPLLARQQLITHNILHKTIFMNSAGFLYISWNEKRQKYEDL
EHDQLDSTRIHPEDYHLATKVAADALEYDPDTIAEKEEQGTMSEFIELLREDPDRRAKLESLNLESYAEELEKNTGLRKL
NNLNTIVLELLDGFEELRNDFHPLQGDEIFQSLTGESEKTFFKGSIIPVRVERFWHNDIICTTNSEVECVVNAQRHAGAQ
LRRPANEIYEIGKTYPAKVIYIDYANITAEVSLLDHDVKQQYVPISYSKDPSIWDLKQELEDAEEERKLMMAEARAKRTH
RVINHPYYFPFNGRQAEDYLRSKERGEFVIRQSSRGDDHLVITWKLDKDLFQHIDIQELEKENPLALGKVLIVDNQKYND
LDQIIVEYLQNKVRLLNEMTSSEKFKSGTKKDVVKFIEDYSRVNPNKSVYYFSLNHDNPGWFYLMFKINANSKLYTWNVK
LTNTGYFLVNYNYPSVIQLCNGFKTLLKSNSSKNRMNNYR
;
_entity_poly.pdbx_strand_id   A
#
# COMPACT_ATOMS: atom_id res chain seq x y z
N THR A 29 16.30 -23.31 -7.44
CA THR A 29 15.31 -23.05 -8.47
C THR A 29 13.91 -23.39 -7.97
N ASP A 30 13.83 -24.39 -7.10
CA ASP A 30 12.56 -24.78 -6.50
C ASP A 30 12.19 -23.82 -5.37
N ILE A 31 12.19 -22.53 -5.65
CA ILE A 31 11.91 -21.49 -4.66
C ILE A 31 10.93 -20.51 -5.29
N PRO A 32 9.89 -20.07 -4.57
CA PRO A 32 8.95 -19.11 -5.15
C PRO A 32 9.64 -17.90 -5.76
N GLU A 33 9.15 -17.49 -6.93
CA GLU A 33 9.78 -16.42 -7.68
C GLU A 33 9.93 -15.16 -6.85
N ARG A 34 8.86 -14.76 -6.15
CA ARG A 34 8.94 -13.55 -5.34
C ARG A 34 10.01 -13.65 -4.27
N TYR A 35 10.10 -14.79 -3.59
CA TYR A 35 11.15 -14.96 -2.59
C TYR A 35 12.53 -14.99 -3.23
N GLN A 36 12.66 -15.68 -4.37
CA GLN A 36 13.94 -15.74 -5.07
C GLN A 36 14.43 -14.35 -5.46
N GLU A 37 13.54 -13.55 -6.05
CA GLU A 37 13.91 -12.20 -6.44
C GLU A 37 14.13 -11.29 -5.23
N LEU A 38 13.45 -11.57 -4.12
CA LEU A 38 13.69 -10.80 -2.90
C LEU A 38 15.02 -11.16 -2.27
N ARG A 39 15.32 -12.46 -2.19
CA ARG A 39 16.58 -12.95 -1.62
C ARG A 39 17.79 -12.69 -2.51
N ALA A 40 17.62 -12.06 -3.67
CA ALA A 40 18.76 -11.80 -4.54
C ALA A 40 19.78 -10.89 -3.87
N GLY A 41 19.34 -10.00 -2.98
CA GLY A 41 20.26 -9.11 -2.31
C GLY A 41 21.04 -9.73 -1.17
N ILE A 42 20.32 -10.24 -0.18
CA ILE A 42 20.97 -10.85 0.98
C ILE A 42 21.75 -12.10 0.57
N THR A 43 22.63 -12.55 1.46
CA THR A 43 23.38 -13.78 1.30
C THR A 43 23.48 -14.45 2.68
N ASP A 44 23.63 -15.77 2.66
CA ASP A 44 23.59 -16.56 3.90
C ASP A 44 22.25 -16.36 4.61
N TYR A 45 21.20 -16.26 3.80
CA TYR A 45 19.85 -16.01 4.32
C TYR A 45 19.47 -17.01 5.40
N GLY A 46 19.72 -18.29 5.17
CA GLY A 46 19.36 -19.33 6.11
C GLY A 46 20.26 -19.50 7.30
N ASN A 47 21.29 -18.66 7.44
CA ASN A 47 22.25 -18.78 8.53
C ASN A 47 21.72 -18.05 9.76
N MET A 48 21.11 -18.81 10.68
CA MET A 48 20.64 -18.26 11.95
C MET A 48 20.81 -19.31 13.04
N SER A 49 21.11 -18.83 14.26
CA SER A 49 21.30 -19.69 15.41
C SER A 49 20.02 -19.76 16.26
N SER A 50 20.06 -20.62 17.28
CA SER A 50 18.94 -20.73 18.20
C SER A 50 18.69 -19.42 18.96
N GLU A 51 19.76 -18.77 19.42
CA GLU A 51 19.59 -17.49 20.10
C GLU A 51 19.04 -16.44 19.15
N ASP A 52 19.53 -16.43 17.91
CA ASP A 52 18.98 -15.53 16.90
C ASP A 52 17.50 -15.82 16.68
N GLN A 53 17.16 -17.09 16.55
CA GLN A 53 15.76 -17.47 16.32
C GLN A 53 14.86 -17.01 17.46
N GLU A 54 15.31 -17.18 18.72
CA GLU A 54 14.51 -16.73 19.85
C GLU A 54 14.39 -15.21 19.88
N LEU A 55 15.50 -14.49 19.69
CA LEU A 55 15.44 -13.04 19.69
C LEU A 55 14.48 -12.54 18.60
N GLU A 56 14.63 -13.08 17.39
CA GLU A 56 13.75 -12.74 16.28
C GLU A 56 12.29 -13.00 16.61
N ARG A 57 11.99 -14.19 17.14
CA ARG A 57 10.61 -14.54 17.48
C ARG A 57 10.04 -13.58 18.52
N ASN A 58 10.74 -13.39 19.64
CA ASN A 58 10.24 -12.53 20.69
C ASN A 58 10.08 -11.08 20.21
N TRP A 59 11.02 -10.60 19.40
CA TRP A 59 10.94 -9.23 18.90
C TRP A 59 9.76 -9.05 17.94
N ILE A 60 9.67 -9.92 16.93
CA ILE A 60 8.59 -9.78 15.95
C ILE A 60 7.23 -9.94 16.64
N ALA A 61 7.16 -10.85 17.63
CA ALA A 61 5.94 -11.01 18.40
C ALA A 61 5.62 -9.76 19.18
N GLU A 62 6.64 -9.08 19.72
CA GLU A 62 6.39 -7.83 20.42
C GLU A 62 5.84 -6.77 19.48
N LYS A 63 6.46 -6.64 18.30
CA LYS A 63 6.01 -5.65 17.32
C LYS A 63 4.55 -5.89 16.93
N ILE A 64 4.20 -7.15 16.63
CA ILE A 64 2.82 -7.43 16.26
C ILE A 64 1.89 -7.26 17.46
N SER A 65 2.33 -7.66 18.65
CA SER A 65 1.49 -7.48 19.84
C SER A 65 1.18 -6.01 20.04
N VAL A 66 2.19 -5.15 19.86
CA VAL A 66 2.01 -3.71 19.97
C VAL A 66 0.98 -3.22 18.99
N ASP A 67 1.02 -3.71 17.75
CA ASP A 67 0.00 -3.26 16.80
C ASP A 67 -1.36 -3.91 17.07
N LYS A 68 -1.37 -5.10 17.66
CA LYS A 68 -2.60 -5.82 17.97
C LYS A 68 -3.36 -5.22 19.15
N ASN A 69 -2.68 -4.47 20.01
CA ASN A 69 -3.30 -3.82 21.15
C ASN A 69 -3.93 -4.82 22.13
N PHE A 70 -3.08 -5.72 22.64
CA PHE A 70 -3.52 -6.66 23.65
C PHE A 70 -3.66 -5.95 25.00
N ASP A 71 -4.34 -6.62 25.93
CA ASP A 71 -4.51 -6.13 27.28
C ASP A 71 -3.94 -7.15 28.25
N ALA A 72 -3.11 -6.67 29.18
CA ALA A 72 -2.40 -7.52 30.15
C ALA A 72 -1.58 -8.55 29.38
N ASN A 73 -1.36 -9.73 29.97
CA ASN A 73 -0.60 -10.79 29.31
C ASN A 73 -1.35 -11.33 28.10
N TYR A 74 -2.67 -11.50 28.23
CA TYR A 74 -3.49 -12.02 27.13
C TYR A 74 -3.02 -13.40 26.69
N ASP A 75 -2.42 -14.17 27.61
CA ASP A 75 -1.86 -15.47 27.30
C ASP A 75 -0.85 -15.35 26.15
N LEU A 76 0.04 -14.37 26.31
CA LEU A 76 0.99 -13.99 25.27
C LEU A 76 1.80 -15.17 24.73
N THR A 77 1.96 -16.24 25.51
CA THR A 77 2.72 -17.38 25.01
C THR A 77 2.04 -18.02 23.80
N GLU A 78 0.71 -18.09 23.79
CA GLU A 78 0.01 -18.68 22.64
C GLU A 78 0.22 -17.83 21.38
N PHE A 79 0.21 -16.52 21.55
CA PHE A 79 0.45 -15.60 20.44
C PHE A 79 1.89 -15.74 19.93
N LYS A 80 2.87 -15.69 20.83
CA LYS A 80 4.25 -15.85 20.40
C LYS A 80 4.48 -17.21 19.77
N GLU A 81 3.73 -18.22 20.21
CA GLU A 81 3.83 -19.56 19.61
C GLU A 81 3.32 -19.53 18.18
N ALA A 82 2.15 -18.90 17.97
CA ALA A 82 1.64 -18.78 16.61
C ALA A 82 2.66 -18.05 15.73
N ILE A 83 3.30 -17.01 16.27
CA ILE A 83 4.35 -16.31 15.53
C ILE A 83 5.47 -17.28 15.18
N GLY A 84 5.88 -18.12 16.13
CA GLY A 84 6.92 -19.09 15.86
C GLY A 84 6.54 -19.99 14.71
N ASN A 85 5.31 -20.50 14.73
CA ASN A 85 4.83 -21.36 13.65
C ASN A 85 4.85 -20.63 12.32
N ALA A 86 4.36 -19.40 12.30
CA ALA A 86 4.32 -18.62 11.07
C ALA A 86 5.72 -18.41 10.51
N ILE A 87 6.66 -17.96 11.35
CA ILE A 87 8.01 -17.71 10.87
C ILE A 87 8.66 -19.01 10.42
N LYS A 88 8.32 -20.12 11.06
CA LYS A 88 8.86 -21.40 10.60
C LYS A 88 8.38 -21.72 9.20
N PHE A 89 7.06 -21.60 8.99
CA PHE A 89 6.47 -21.87 7.67
C PHE A 89 7.07 -20.97 6.61
N ILE A 90 7.30 -19.69 6.95
CA ILE A 90 7.80 -18.72 5.98
C ILE A 90 9.29 -18.94 5.70
N THR A 91 10.13 -18.79 6.72
CA THR A 91 11.57 -18.84 6.52
C THR A 91 12.06 -20.22 6.12
N LYS A 92 11.61 -21.28 6.80
CA LYS A 92 12.14 -22.61 6.50
C LYS A 92 11.35 -23.39 5.46
N GLU A 93 10.02 -23.51 5.62
CA GLU A 93 9.26 -24.30 4.66
C GLU A 93 9.05 -23.60 3.32
N ASN A 94 9.40 -22.31 3.20
CA ASN A 94 9.22 -21.56 1.97
C ASN A 94 7.75 -21.48 1.53
N LEU A 95 6.82 -21.50 2.47
CA LEU A 95 5.41 -21.38 2.13
C LEU A 95 5.05 -19.92 1.90
N GLU A 96 4.33 -19.66 0.82
CA GLU A 96 3.83 -18.30 0.60
C GLU A 96 2.63 -18.04 1.50
N VAL A 97 2.41 -16.77 1.82
CA VAL A 97 1.36 -16.36 2.74
C VAL A 97 -0.04 -16.86 2.36
N PRO A 98 -0.45 -16.88 1.08
CA PRO A 98 -1.81 -17.40 0.82
C PRO A 98 -2.00 -18.84 1.25
N PHE A 99 -1.04 -19.71 0.92
CA PHE A 99 -1.17 -21.12 1.31
C PHE A 99 -1.23 -21.25 2.83
N ILE A 100 -0.41 -20.46 3.52
CA ILE A 100 -0.38 -20.49 4.98
C ILE A 100 -1.75 -20.10 5.54
N TYR A 101 -2.29 -18.98 5.07
CA TYR A 101 -3.57 -18.52 5.57
C TYR A 101 -4.73 -19.41 5.14
N ALA A 102 -4.57 -20.17 4.07
CA ALA A 102 -5.64 -21.04 3.59
C ALA A 102 -5.64 -22.41 4.27
N TYR A 103 -4.55 -23.17 4.13
CA TYR A 103 -4.47 -24.53 4.65
C TYR A 103 -3.78 -24.64 6.01
N ARG A 104 -3.01 -23.64 6.43
CA ARG A 104 -2.31 -23.67 7.71
C ARG A 104 -2.87 -22.61 8.67
N ARG A 105 -4.14 -22.24 8.47
CA ARG A 105 -4.75 -21.20 9.28
C ARG A 105 -4.85 -21.57 10.75
N ASN A 106 -5.25 -22.81 11.04
CA ASN A 106 -5.50 -23.20 12.42
C ASN A 106 -4.27 -23.13 13.33
N TYR A 107 -3.07 -23.20 12.78
CA TYR A 107 -1.88 -23.05 13.61
C TYR A 107 -1.57 -21.60 13.95
N ILE A 108 -2.26 -20.64 13.33
CA ILE A 108 -1.96 -19.23 13.51
C ILE A 108 -3.15 -18.56 14.21
N SER A 109 -3.85 -19.30 15.05
CA SER A 109 -5.00 -18.76 15.74
C SER A 109 -5.17 -19.44 17.09
N SER A 110 -5.80 -18.72 18.02
CA SER A 110 -6.16 -19.28 19.31
C SER A 110 -7.12 -20.45 19.13
N ARG A 111 -6.93 -21.47 19.95
CA ARG A 111 -7.83 -22.63 19.89
C ARG A 111 -9.26 -22.18 20.10
N GLU A 112 -9.47 -21.21 21.00
CA GLU A 112 -10.77 -20.63 21.23
C GLU A 112 -10.99 -19.51 20.22
N LYS A 113 -12.18 -19.50 19.61
CA LYS A 113 -12.53 -18.49 18.63
C LYS A 113 -12.42 -17.08 19.21
N ASP A 114 -12.17 -16.12 18.31
CA ASP A 114 -11.97 -14.70 18.62
C ASP A 114 -10.83 -14.42 19.57
N GLY A 115 -10.06 -15.43 19.97
CA GLY A 115 -8.93 -15.16 20.85
C GLY A 115 -7.90 -14.26 20.18
N PHE A 116 -7.44 -14.67 19.00
CA PHE A 116 -6.54 -13.84 18.21
C PHE A 116 -6.52 -14.38 16.79
N LEU A 117 -5.98 -13.57 15.88
CA LEU A 117 -5.90 -13.95 14.47
C LEU A 117 -4.92 -13.02 13.78
N LEU A 118 -3.99 -13.58 13.01
CA LEU A 118 -3.05 -12.79 12.22
C LEU A 118 -3.56 -12.72 10.78
N THR A 119 -3.95 -11.52 10.35
CA THR A 119 -4.47 -11.31 9.01
C THR A 119 -3.34 -11.36 7.98
N GLU A 120 -3.74 -11.37 6.71
CA GLU A 120 -2.77 -11.30 5.61
C GLU A 120 -1.80 -10.15 5.81
N ASP A 121 -2.31 -9.02 6.28
CA ASP A 121 -1.46 -7.86 6.52
C ASP A 121 -0.37 -8.20 7.52
N ASP A 122 -0.73 -8.91 8.58
CA ASP A 122 0.26 -9.33 9.57
C ASP A 122 1.29 -10.25 8.96
N LEU A 123 0.87 -11.19 8.12
CA LEU A 123 1.83 -12.09 7.48
C LEU A 123 2.79 -11.34 6.57
N TRP A 124 2.29 -10.35 5.82
CA TRP A 124 3.18 -9.55 4.98
C TRP A 124 4.14 -8.73 5.83
N ASP A 125 3.63 -8.22 6.96
CA ASP A 125 4.50 -7.52 7.91
C ASP A 125 5.59 -8.45 8.40
N ILE A 126 5.21 -9.69 8.70
CA ILE A 126 6.17 -10.67 9.20
C ILE A 126 7.27 -10.93 8.18
N VAL A 127 6.91 -11.16 6.92
CA VAL A 127 7.95 -11.41 5.90
C VAL A 127 8.84 -10.17 5.73
N SER A 128 8.26 -8.98 5.76
CA SER A 128 9.08 -7.78 5.59
C SER A 128 10.03 -7.60 6.77
N LEU A 129 9.50 -7.77 7.98
CA LEU A 129 10.34 -7.69 9.17
C LEU A 129 11.42 -8.74 9.11
N ASP A 130 11.08 -9.93 8.62
CA ASP A 130 12.04 -11.01 8.52
C ASP A 130 13.23 -10.62 7.66
N ILE A 131 12.95 -10.14 6.44
CA ILE A 131 14.05 -9.79 5.54
C ILE A 131 14.88 -8.64 6.10
N GLU A 132 14.24 -7.62 6.68
CA GLU A 132 15.02 -6.51 7.22
C GLU A 132 15.82 -6.95 8.44
N PHE A 133 15.27 -7.86 9.25
CA PHE A 133 15.97 -8.40 10.40
C PHE A 133 17.20 -9.19 9.96
N HIS A 134 17.05 -9.98 8.91
CA HIS A 134 18.20 -10.75 8.41
C HIS A 134 19.28 -9.82 7.87
N SER A 135 18.90 -8.77 7.13
CA SER A 135 19.91 -7.84 6.64
C SER A 135 20.60 -7.11 7.79
N LEU A 136 19.81 -6.71 8.80
CA LEU A 136 20.39 -6.02 9.95
C LEU A 136 21.39 -6.91 10.67
N VAL A 137 20.99 -8.15 10.98
CA VAL A 137 21.90 -9.06 11.67
C VAL A 137 23.12 -9.37 10.80
N ASN A 138 22.94 -9.43 9.48
CA ASN A 138 24.09 -9.65 8.61
C ASN A 138 25.11 -8.53 8.74
N LYS A 139 24.66 -7.27 8.76
CA LYS A 139 25.60 -6.17 8.95
C LYS A 139 26.20 -6.18 10.36
N LYS A 140 25.38 -6.46 11.37
CA LYS A 140 25.88 -6.58 12.74
C LYS A 140 27.01 -7.61 12.82
N ASP A 141 26.78 -8.79 12.24
CA ASP A 141 27.80 -9.82 12.23
C ASP A 141 29.00 -9.41 11.38
N TYR A 142 28.80 -8.62 10.32
CA TYR A 142 29.94 -8.20 9.52
C TYR A 142 30.86 -7.31 10.34
N VAL A 143 30.27 -6.43 11.14
CA VAL A 143 31.08 -5.58 12.01
C VAL A 143 31.72 -6.43 13.12
N GLN A 144 31.00 -7.43 13.61
CA GLN A 144 31.63 -8.37 14.55
C GLN A 144 32.84 -9.03 13.90
N ARG A 145 32.70 -9.47 12.65
CA ARG A 145 33.74 -10.10 11.83
C ARG A 145 34.81 -9.12 11.38
N PHE A 146 34.65 -7.86 11.73
CA PHE A 146 35.65 -6.83 11.49
C PHE A 146 36.38 -6.46 12.77
N TYR A 147 35.65 -6.40 13.88
CA TYR A 147 36.26 -6.13 15.18
C TYR A 147 37.12 -7.31 15.60
N ALA A 148 36.56 -8.53 15.56
CA ALA A 148 37.32 -9.73 15.86
C ALA A 148 38.41 -9.98 14.82
N GLU A 149 38.29 -9.37 13.64
CA GLU A 149 39.32 -9.47 12.62
C GLU A 149 40.60 -8.81 13.10
N LEU A 150 40.49 -7.83 14.00
CA LEU A 150 41.64 -7.20 14.62
C LEU A 150 42.13 -8.01 15.81
N HIS A 151 41.24 -8.80 16.41
CA HIS A 151 41.48 -9.66 17.57
C HIS A 151 41.68 -8.89 18.87
N ILE A 152 41.50 -7.57 18.85
CA ILE A 152 41.67 -6.77 20.05
C ILE A 152 40.44 -6.98 20.93
N ASP A 153 40.64 -7.02 22.24
CA ASP A 153 39.54 -7.17 23.19
C ASP A 153 39.41 -5.88 23.99
N ASP A 154 38.42 -5.06 23.62
CA ASP A 154 38.09 -3.79 24.24
C ASP A 154 36.92 -3.95 25.20
N PRO A 155 36.97 -3.40 26.42
CA PRO A 155 35.83 -3.56 27.34
C PRO A 155 34.53 -3.03 26.79
N ILE A 156 34.59 -1.93 26.03
CA ILE A 156 33.39 -1.33 25.45
C ILE A 156 32.88 -2.14 24.27
N VAL A 157 33.74 -2.42 23.28
CA VAL A 157 33.31 -3.09 22.05
C VAL A 157 32.89 -4.53 22.32
N THR A 158 33.68 -5.28 23.10
CA THR A 158 33.30 -6.66 23.41
C THR A 158 32.01 -6.73 24.20
N GLU A 159 31.80 -5.79 25.12
CA GLU A 159 30.54 -5.75 25.86
C GLU A 159 29.38 -5.36 24.93
N TYR A 160 29.63 -4.43 24.02
CA TYR A 160 28.59 -3.99 23.08
C TYR A 160 28.11 -5.16 22.22
N PHE A 161 29.04 -5.94 21.68
CA PHE A 161 28.63 -7.07 20.85
C PHE A 161 28.09 -8.24 21.66
N LYS A 162 27.99 -8.11 22.98
CA LYS A 162 27.40 -9.18 23.79
C LYS A 162 25.95 -9.43 23.41
N ASN A 163 25.18 -8.36 23.22
CA ASN A 163 23.74 -8.52 22.96
C ASN A 163 23.48 -9.22 21.64
N GLN A 164 24.18 -8.81 20.58
CA GLN A 164 23.94 -9.38 19.26
C GLN A 164 24.78 -10.63 19.03
N SER A 174 23.45 2.23 15.52
CA SER A 174 24.73 2.63 16.09
C SER A 174 25.87 1.82 15.53
N LEU A 175 25.55 0.84 14.66
CA LEU A 175 26.57 -0.02 14.09
C LEU A 175 27.63 0.80 13.36
N GLN A 176 27.22 1.80 12.60
CA GLN A 176 28.18 2.61 11.88
C GLN A 176 29.05 3.39 12.86
N ASP A 177 28.51 3.74 14.02
CA ASP A 177 29.33 4.40 15.04
C ASP A 177 30.44 3.46 15.48
N ILE A 178 30.13 2.17 15.62
CA ILE A 178 31.14 1.19 16.00
C ILE A 178 32.20 1.08 14.91
N TYR A 179 31.78 1.05 13.65
CA TYR A 179 32.75 1.02 12.55
C TYR A 179 33.67 2.22 12.58
N ASP A 180 33.11 3.42 12.78
CA ASP A 180 33.95 4.62 12.83
C ASP A 180 34.85 4.61 14.07
N TYR A 181 34.33 4.13 15.20
CA TYR A 181 35.12 4.04 16.41
C TYR A 181 36.34 3.14 16.20
N LEU A 182 36.14 1.98 15.58
CA LEU A 182 37.25 1.08 15.30
C LEU A 182 38.22 1.66 14.28
N GLU A 183 37.71 2.25 13.19
CA GLU A 183 38.60 2.85 12.20
C GLU A 183 39.40 4.02 12.77
N PHE A 184 38.86 4.71 13.78
CA PHE A 184 39.56 5.82 14.41
C PHE A 184 40.54 5.35 15.48
N LYS A 185 40.09 4.45 16.36
CA LYS A 185 40.93 3.95 17.45
C LYS A 185 42.07 3.06 16.98
N TYR A 186 41.82 2.15 16.03
CA TYR A 186 42.82 1.19 15.60
C TYR A 186 43.20 1.36 14.13
N ALA A 187 43.33 2.61 13.70
CA ALA A 187 43.62 2.92 12.30
C ALA A 187 44.82 2.14 11.77
N ASN A 188 45.83 1.89 12.60
CA ASN A 188 47.01 1.15 12.17
C ASN A 188 46.89 -0.37 12.33
N GLU A 189 46.12 -0.88 13.29
CA GLU A 189 46.02 -2.34 13.39
C GLU A 189 45.28 -2.92 12.19
N ILE A 190 44.31 -2.18 11.66
CA ILE A 190 43.55 -2.60 10.49
C ILE A 190 44.30 -2.37 9.19
N ASN A 191 45.41 -1.63 9.25
CA ASN A 191 46.11 -1.20 8.04
C ASN A 191 46.61 -2.37 7.20
N GLU A 192 47.19 -3.39 7.84
CA GLU A 192 47.72 -4.51 7.07
C GLU A 192 46.62 -5.44 6.55
N MET A 193 45.50 -5.55 7.26
CA MET A 193 44.43 -6.44 6.83
C MET A 193 43.84 -5.97 5.50
N TYR A 211 42.48 15.08 11.85
CA TYR A 211 42.93 14.55 13.13
C TYR A 211 44.04 13.52 12.90
N GLU A 212 43.89 12.75 11.82
CA GLU A 212 44.89 11.73 11.50
C GLU A 212 46.27 12.35 11.31
N LYS A 213 46.32 13.56 10.74
CA LYS A 213 47.56 14.30 10.56
C LYS A 213 47.83 15.23 11.73
N PHE A 214 46.78 15.84 12.29
CA PHE A 214 46.95 16.76 13.41
C PHE A 214 47.58 16.05 14.60
N LYS A 215 47.10 14.86 14.94
CA LYS A 215 47.67 14.13 16.07
C LYS A 215 49.13 13.78 15.85
N ALA A 216 49.56 13.69 14.59
CA ALA A 216 50.97 13.42 14.33
C ALA A 216 51.85 14.60 14.72
N SER A 217 51.32 15.81 14.62
CA SER A 217 52.05 16.99 15.06
C SER A 217 51.97 17.13 16.59
N PRO A 218 52.92 17.84 17.19
CA PRO A 218 52.95 17.95 18.67
C PRO A 218 51.71 18.56 19.30
N LEU A 219 50.77 19.10 18.54
CA LEU A 219 49.61 19.76 19.13
C LEU A 219 48.79 18.87 20.05
N TYR A 220 48.83 17.55 19.89
CA TYR A 220 48.00 16.70 20.75
C TYR A 220 48.35 16.83 22.22
N GLN A 221 49.50 17.41 22.55
CA GLN A 221 49.81 17.67 23.96
C GLN A 221 48.71 18.48 24.63
N ALA A 222 48.10 19.41 23.89
CA ALA A 222 47.01 20.18 24.46
C ALA A 222 45.85 19.28 24.86
N VAL A 223 45.46 18.34 23.99
CA VAL A 223 44.39 17.41 24.32
C VAL A 223 44.80 16.57 25.53
N SER A 224 46.05 16.11 25.55
CA SER A 224 46.52 15.31 26.68
C SER A 224 46.44 16.08 27.98
N ASP A 225 46.74 17.38 27.93
CA ASP A 225 46.73 18.24 29.11
C ASP A 225 45.33 18.55 29.61
N ILE A 226 44.28 18.14 28.89
CA ILE A 226 42.92 18.46 29.30
C ILE A 226 42.61 17.92 30.70
N GLY A 227 43.27 16.84 31.11
CA GLY A 227 43.05 16.30 32.43
C GLY A 227 41.92 15.30 32.53
N ILE A 228 41.23 15.01 31.43
CA ILE A 228 40.16 14.03 31.39
C ILE A 228 39.93 13.64 29.95
N SER A 229 39.68 12.35 29.73
CA SER A 229 39.42 11.83 28.40
C SER A 229 37.93 11.79 28.10
N ALA A 230 37.61 11.97 26.82
CA ALA A 230 36.22 11.99 26.36
C ALA A 230 35.48 10.74 26.78
N GLU A 231 36.18 9.61 26.85
CA GLU A 231 35.55 8.36 27.28
C GLU A 231 35.03 8.48 28.70
N ASP A 232 35.74 9.19 29.58
CA ASP A 232 35.25 9.34 30.95
C ASP A 232 33.89 10.03 30.97
N VAL A 233 33.75 11.10 30.19
CA VAL A 233 32.47 11.82 30.11
C VAL A 233 31.39 10.93 29.49
N GLY A 234 31.73 10.21 28.42
CA GLY A 234 30.76 9.31 27.81
C GLY A 234 30.30 8.23 28.77
N GLU A 235 31.22 7.67 29.55
CA GLU A 235 30.86 6.67 30.56
C GLU A 235 29.97 7.28 31.62
N ASN A 236 30.27 8.49 32.07
CA ASN A 236 29.40 9.16 33.04
C ASN A 236 28.00 9.35 32.48
N ILE A 237 27.92 9.83 31.24
CA ILE A 237 26.64 10.09 30.58
C ILE A 237 25.82 8.80 30.47
N SER A 238 26.42 7.75 29.90
CA SER A 238 25.70 6.50 29.75
C SER A 238 25.36 5.86 31.10
N SER A 239 26.23 6.03 32.09
CA SER A 239 25.98 5.55 33.45
C SER A 239 25.01 6.43 34.21
N GLN A 240 24.67 7.61 33.68
CA GLN A 240 23.79 8.59 34.31
C GLN A 240 24.34 9.19 35.60
N HIS A 241 25.64 9.00 35.89
CA HIS A 241 26.23 9.61 37.07
C HIS A 241 27.72 9.80 36.84
N GLN A 242 28.29 10.77 37.56
CA GLN A 242 29.69 11.18 37.44
C GLN A 242 30.62 10.19 38.14
N ILE A 243 30.89 9.07 37.48
CA ILE A 243 31.83 8.09 38.02
C ILE A 243 33.28 8.48 37.77
N HIS A 244 33.55 9.47 36.92
CA HIS A 244 34.91 9.89 36.60
C HIS A 244 35.04 11.42 36.59
N PRO A 245 35.29 12.02 37.75
CA PRO A 245 35.50 13.47 37.79
C PRO A 245 36.76 13.87 37.04
N PRO A 246 36.78 15.05 36.42
CA PRO A 246 37.99 15.50 35.72
C PRO A 246 39.11 15.87 36.69
N VAL A 247 40.32 15.97 36.12
CA VAL A 247 41.52 16.30 36.89
C VAL A 247 42.00 17.70 36.50
N ASP A 248 42.33 18.48 37.53
CA ASP A 248 42.79 19.85 37.38
C ASP A 248 44.16 19.94 36.67
N HIS A 249 44.35 21.02 35.91
CA HIS A 249 45.64 21.31 35.30
C HIS A 249 46.33 22.36 36.17
N PRO A 250 47.42 22.01 36.89
CA PRO A 250 48.06 22.97 37.80
C PRO A 250 49.00 24.04 37.26
N SER A 251 49.87 23.78 36.26
CA SER A 251 50.94 24.71 35.95
C SER A 251 50.99 25.40 34.59
N SER A 252 50.23 24.99 33.57
CA SER A 252 50.37 25.69 32.30
C SER A 252 49.07 25.82 31.54
N LYS A 253 48.78 27.06 31.12
CA LYS A 253 47.66 27.35 30.24
C LYS A 253 47.95 26.86 28.81
N PRO A 254 46.90 26.61 28.03
CA PRO A 254 47.13 26.22 26.62
C PRO A 254 47.93 27.25 25.85
N VAL A 255 47.68 28.54 26.12
CA VAL A 255 48.38 29.61 25.44
C VAL A 255 49.88 29.58 25.70
N GLU A 256 50.28 29.19 26.92
CA GLU A 256 51.71 29.07 27.19
C GLU A 256 52.34 28.00 26.32
N VAL A 257 51.66 26.85 26.19
CA VAL A 257 52.16 25.76 25.36
C VAL A 257 52.24 26.19 23.90
N ILE A 258 51.19 26.85 23.42
CA ILE A 258 51.16 27.32 22.03
C ILE A 258 52.29 28.31 21.76
N GLU A 259 52.35 29.41 22.52
CA GLU A 259 53.37 30.41 22.25
C GLU A 259 54.79 29.84 22.41
N SER A 260 55.00 28.95 23.39
CA SER A 260 56.31 28.36 23.57
C SER A 260 56.69 27.43 22.42
N ILE A 261 55.74 26.64 21.92
CA ILE A 261 56.04 25.66 20.88
C ILE A 261 56.13 26.29 19.50
N LEU A 262 55.22 27.20 19.15
CA LEU A 262 55.18 27.70 17.78
C LEU A 262 56.54 28.19 17.30
N ASN A 263 57.18 29.07 18.08
CA ASN A 263 58.50 29.54 17.67
C ASN A 263 59.58 28.52 17.97
N ALA A 264 59.47 27.79 19.08
CA ALA A 264 60.50 26.82 19.41
C ALA A 264 60.43 25.55 18.58
N ASN A 265 59.26 25.25 18.01
CA ASN A 265 59.06 24.07 17.17
C ASN A 265 58.77 24.49 15.73
N SER A 266 59.52 25.48 15.25
CA SER A 266 59.33 26.00 13.90
C SER A 266 59.28 24.90 12.84
N GLY A 267 59.84 23.73 13.13
CA GLY A 267 59.77 22.62 12.19
C GLY A 267 58.42 21.94 12.13
N ASP A 268 57.92 21.44 13.27
CA ASP A 268 56.63 20.76 13.28
C ASP A 268 55.47 21.73 13.32
N LEU A 269 55.55 22.77 14.14
CA LEU A 269 54.46 23.72 14.33
C LEU A 269 54.89 25.15 14.01
N GLN A 270 53.89 25.98 13.73
CA GLN A 270 54.07 27.37 13.35
C GLN A 270 54.96 28.11 14.35
N LYS A 277 46.71 32.91 14.85
CA LYS A 277 46.35 31.92 15.86
C LYS A 277 45.83 30.65 15.22
N LEU A 278 46.10 30.49 13.91
CA LEU A 278 45.64 29.32 13.17
C LEU A 278 45.91 28.02 13.92
N ALA A 279 46.96 27.98 14.74
CA ALA A 279 47.24 26.81 15.57
C ALA A 279 46.10 26.52 16.54
N ILE A 280 45.62 27.55 17.24
CA ILE A 280 44.51 27.35 18.17
C ILE A 280 43.24 26.93 17.43
N ASP A 281 42.97 27.55 16.27
CA ASP A 281 41.80 27.14 15.49
C ASP A 281 41.92 25.68 15.05
N THR A 282 43.12 25.26 14.67
CA THR A 282 43.36 23.87 14.29
C THR A 282 43.11 22.93 15.45
N VAL A 283 43.58 23.30 16.64
CA VAL A 283 43.34 22.48 17.82
C VAL A 283 41.84 22.38 18.11
N GLN A 284 41.16 23.52 18.08
CA GLN A 284 39.73 23.53 18.34
C GLN A 284 38.96 22.66 17.35
N LYS A 285 39.33 22.76 16.07
CA LYS A 285 38.67 21.95 15.04
C LYS A 285 38.91 20.46 15.21
N TYR A 286 40.14 20.03 15.54
CA TYR A 286 40.40 18.61 15.62
C TYR A 286 40.10 17.95 16.96
N TYR A 287 40.24 18.63 18.10
CA TYR A 287 39.98 17.95 19.37
C TYR A 287 38.51 17.52 19.49
N SER A 288 37.57 18.39 19.13
CA SER A 288 36.16 18.04 19.24
C SER A 288 35.81 16.74 18.53
N LEU A 289 36.62 16.31 17.57
CA LEU A 289 36.34 15.05 16.89
C LEU A 289 36.21 13.90 17.88
N GLU A 290 37.13 13.81 18.85
CA GLU A 290 37.04 12.74 19.84
C GLU A 290 35.72 12.79 20.60
N LEU A 291 35.24 14.00 20.89
CA LEU A 291 33.95 14.14 21.56
C LEU A 291 32.82 13.63 20.68
N SER A 292 32.88 13.96 19.39
CA SER A 292 31.87 13.55 18.43
C SER A 292 31.89 12.05 18.13
N LYS A 293 33.01 11.37 18.37
CA LYS A 293 33.13 9.94 18.11
C LYS A 293 32.63 9.04 19.24
N ASN A 294 32.34 9.57 20.43
CA ASN A 294 31.99 8.69 21.55
C ASN A 294 30.63 8.04 21.33
N THR A 295 30.64 6.70 21.28
CA THR A 295 29.42 5.92 21.06
C THR A 295 28.42 6.07 22.20
N LYS A 296 28.90 5.98 23.44
CA LYS A 296 28.02 6.10 24.60
C LYS A 296 27.32 7.44 24.69
N ILE A 297 27.88 8.48 24.07
CA ILE A 297 27.19 9.77 24.01
C ILE A 297 26.19 9.79 22.87
N ARG A 298 26.68 9.56 21.65
CA ARG A 298 25.83 9.60 20.47
C ARG A 298 24.58 8.73 20.61
N GLU A 299 24.73 7.52 21.14
CA GLU A 299 23.56 6.64 21.31
C GLU A 299 22.49 7.28 22.18
N LYS A 300 22.91 7.94 23.26
CA LYS A 300 21.95 8.56 24.18
C LYS A 300 21.31 9.79 23.55
N VAL A 301 22.10 10.61 22.87
CA VAL A 301 21.56 11.81 22.23
C VAL A 301 20.58 11.40 21.14
N ARG A 302 20.99 10.45 20.29
CA ARG A 302 20.13 9.98 19.21
C ARG A 302 18.80 9.48 19.75
N SER A 303 18.85 8.58 20.74
CA SER A 303 17.62 8.01 21.28
C SER A 303 16.72 9.10 21.88
N ASP A 304 17.27 9.96 22.74
CA ASP A 304 16.41 10.98 23.34
C ASP A 304 15.85 11.93 22.29
N PHE A 305 16.65 12.27 21.28
CA PHE A 305 16.18 13.13 20.20
C PHE A 305 14.99 12.52 19.48
N SER A 306 15.09 11.24 19.11
CA SER A 306 14.02 10.57 18.37
C SER A 306 12.73 10.38 19.17
N LYS A 307 12.75 10.60 20.48
CA LYS A 307 11.54 10.39 21.27
C LYS A 307 10.55 11.55 21.21
N TYR A 308 11.02 12.80 21.11
CA TYR A 308 10.10 13.93 21.18
C TYR A 308 10.49 15.12 20.31
N TYR A 309 11.31 14.94 19.28
CA TYR A 309 11.71 16.04 18.43
C TYR A 309 10.51 16.74 17.79
N LEU A 310 10.77 17.94 17.29
CA LEU A 310 9.80 18.78 16.62
C LEU A 310 10.20 18.94 15.16
N ALA A 311 9.21 19.10 14.30
CA ALA A 311 9.44 19.17 12.85
C ALA A 311 8.65 20.31 12.22
N ASP A 312 8.82 21.51 12.74
CA ASP A 312 8.17 22.68 12.13
C ASP A 312 8.74 22.89 10.73
N VAL A 313 7.89 23.39 9.85
CA VAL A 313 8.27 23.65 8.46
C VAL A 313 8.85 25.06 8.32
N VAL A 314 9.92 25.16 7.54
CA VAL A 314 10.59 26.42 7.25
C VAL A 314 10.55 26.63 5.74
N LEU A 315 10.03 27.79 5.32
CA LEU A 315 9.87 28.11 3.91
C LEU A 315 11.16 28.70 3.33
N THR A 316 11.23 28.70 2.01
CA THR A 316 12.33 29.28 1.25
C THR A 316 11.80 30.39 0.35
N ALA A 317 12.64 30.82 -0.60
CA ALA A 317 12.26 31.89 -1.52
C ALA A 317 10.91 31.63 -2.18
N LYS A 318 10.64 30.38 -2.56
CA LYS A 318 9.35 30.05 -3.14
C LYS A 318 8.24 29.91 -2.10
N GLY A 319 8.59 29.86 -0.83
CA GLY A 319 7.55 29.74 0.19
C GLY A 319 6.58 30.91 0.11
N LYS A 320 5.29 30.58 0.21
CA LYS A 320 4.21 31.55 0.05
C LYS A 320 4.25 32.28 -1.28
N LYS A 321 5.13 31.87 -2.20
CA LYS A 321 5.25 32.46 -3.51
C LYS A 321 4.77 31.50 -4.59
N GLU A 322 5.21 30.25 -4.53
CA GLU A 322 4.81 29.23 -5.48
C GLU A 322 3.55 28.50 -5.02
N ILE A 323 3.17 28.67 -3.75
CA ILE A 323 2.00 28.01 -3.18
C ILE A 323 0.76 28.88 -3.34
N GLN A 324 0.91 30.20 -3.33
CA GLN A 324 -0.20 31.16 -3.40
C GLN A 324 -1.31 30.82 -2.39
N LYS A 325 -0.94 30.15 -1.30
CA LYS A 325 -1.87 29.71 -0.28
C LYS A 325 -3.13 29.09 -0.86
N GLY A 326 -3.00 28.43 -2.01
CA GLY A 326 -4.14 27.84 -2.68
C GLY A 326 -3.82 26.46 -3.22
N SER A 327 -2.95 25.74 -2.53
CA SER A 327 -2.54 24.40 -2.94
C SER A 327 -2.41 23.50 -1.71
N LEU A 328 -2.01 22.25 -1.97
CA LEU A 328 -1.86 21.26 -0.91
C LEU A 328 -0.77 21.65 0.09
N TYR A 329 0.12 22.55 -0.27
CA TYR A 329 1.19 23.00 0.62
C TYR A 329 0.74 24.04 1.63
N GLU A 330 -0.57 24.29 1.76
CA GLU A 330 -1.05 25.30 2.69
C GLU A 330 -0.72 24.96 4.13
N ASP A 331 -0.33 23.72 4.43
CA ASP A 331 0.02 23.34 5.79
C ASP A 331 1.26 24.08 6.27
N ASN A 337 5.51 22.98 14.60
CA ASN A 337 6.06 22.15 15.67
C ASN A 337 5.47 20.75 15.58
N ARG A 338 5.54 20.18 14.38
CA ARG A 338 4.98 18.86 14.12
C ARG A 338 5.76 17.81 14.92
N THR A 339 5.08 16.72 15.26
CA THR A 339 5.68 15.68 16.07
C THR A 339 5.51 14.31 15.43
N PRO A 340 6.42 13.37 15.73
CA PRO A 340 6.33 12.03 15.11
C PRO A 340 5.02 11.31 15.36
N MET A 341 4.45 11.44 16.56
CA MET A 341 3.19 10.80 16.87
C MET A 341 2.05 11.37 16.05
N HIS A 342 2.04 12.68 15.80
CA HIS A 342 0.98 13.27 14.99
C HIS A 342 0.94 12.64 13.60
N PHE A 343 2.10 12.38 13.00
CA PHE A 343 2.15 11.72 11.71
C PHE A 343 1.49 10.35 11.70
N ARG A 344 1.18 9.78 12.86
CA ARG A 344 0.51 8.48 12.88
C ARG A 344 -0.85 8.52 12.20
N ARG A 345 -1.52 9.67 12.24
CA ARG A 345 -2.82 9.81 11.58
C ARG A 345 -2.70 10.37 10.17
N ASP A 346 -1.79 11.33 9.96
CA ASP A 346 -1.59 11.97 8.66
C ASP A 346 -0.16 11.77 8.17
N PRO A 347 0.27 10.52 8.03
CA PRO A 347 1.67 10.27 7.61
C PRO A 347 2.02 10.87 6.26
N ASP A 348 1.03 11.08 5.39
CA ASP A 348 1.29 11.68 4.08
C ASP A 348 1.80 13.11 4.21
N VAL A 349 1.48 13.80 5.31
CA VAL A 349 1.94 15.18 5.48
C VAL A 349 3.46 15.23 5.45
N PHE A 350 4.11 14.30 6.14
CA PHE A 350 5.57 14.26 6.11
C PHE A 350 6.08 14.03 4.69
N LEU A 351 5.38 13.21 3.91
CA LEU A 351 5.78 13.03 2.51
C LEU A 351 5.66 14.34 1.75
N LYS A 352 4.59 15.10 2.01
CA LYS A 352 4.44 16.38 1.35
C LYS A 352 5.60 17.31 1.71
N MET A 353 5.95 17.35 2.99
CA MET A 353 7.06 18.18 3.46
C MET A 353 8.38 17.78 2.79
N VAL A 354 8.67 16.48 2.78
CA VAL A 354 9.90 15.99 2.17
C VAL A 354 9.92 16.26 0.67
N GLU A 355 8.77 16.11 0.01
CA GLU A 355 8.73 16.38 -1.43
C GLU A 355 8.95 17.86 -1.70
N ALA A 356 8.30 18.73 -0.93
CA ALA A 356 8.50 20.16 -1.09
C ALA A 356 9.97 20.52 -0.89
N GLU A 357 10.62 19.86 0.08
CA GLU A 357 12.05 20.10 0.29
C GLU A 357 12.87 19.60 -0.91
N SER A 358 12.48 18.44 -1.46
CA SER A 358 13.21 17.89 -2.60
C SER A 358 13.13 18.82 -3.80
N LEU A 359 11.99 19.48 -4.00
CA LEU A 359 11.81 20.44 -5.07
C LEU A 359 12.24 21.84 -4.68
N ASN A 360 12.96 21.98 -3.55
CA ASN A 360 13.51 23.25 -3.10
C ASN A 360 12.46 24.30 -2.73
N LEU A 361 11.35 23.87 -2.11
CA LEU A 361 10.29 24.79 -1.72
C LEU A 361 10.38 25.16 -0.25
N LEU A 362 10.39 24.16 0.63
CA LEU A 362 10.46 24.41 2.07
C LEU A 362 11.27 23.28 2.71
N SER A 363 11.98 23.61 3.78
CA SER A 363 12.82 22.66 4.49
C SER A 363 12.28 22.45 5.90
N VAL A 364 11.88 21.21 6.21
CA VAL A 364 11.46 20.87 7.56
C VAL A 364 12.70 20.79 8.45
N LYS A 365 12.68 21.53 9.56
CA LYS A 365 13.81 21.56 10.48
C LYS A 365 13.49 20.66 11.67
N LEU A 366 14.36 19.69 11.93
CA LEU A 366 14.18 18.75 13.02
C LEU A 366 15.01 19.19 14.22
N HIS A 367 14.37 19.33 15.37
CA HIS A 367 15.06 19.75 16.59
C HIS A 367 14.35 19.15 17.79
N MET A 368 15.09 19.04 18.89
CA MET A 368 14.53 18.50 20.11
C MET A 368 13.60 19.52 20.78
N SER A 369 12.77 19.04 21.70
CA SER A 369 11.86 19.92 22.41
C SER A 369 12.62 21.01 23.16
N SER A 370 13.67 20.62 23.92
CA SER A 370 14.50 21.56 24.67
C SER A 370 15.95 21.28 24.34
N GLN A 371 16.41 21.83 23.21
CA GLN A 371 17.78 21.58 22.76
C GLN A 371 18.80 22.18 23.72
N ALA A 372 18.61 23.45 24.10
CA ALA A 372 19.55 24.13 24.99
C ALA A 372 19.61 23.45 26.36
N GLN A 373 18.46 23.14 26.94
CA GLN A 373 18.46 22.49 28.26
C GLN A 373 19.00 21.07 28.20
N TYR A 374 18.68 20.34 27.14
CA TYR A 374 19.16 18.97 27.01
C TYR A 374 20.68 18.90 26.91
N ILE A 375 21.29 19.86 26.20
CA ILE A 375 22.75 19.87 26.06
C ILE A 375 23.42 20.35 27.35
N GLU A 376 23.01 21.51 27.86
CA GLU A 376 23.65 22.07 29.04
C GLU A 376 23.42 21.23 30.29
N HIS A 377 22.21 20.69 30.46
CA HIS A 377 21.95 19.86 31.63
C HIS A 377 22.86 18.62 31.65
N LEU A 378 23.32 18.19 30.48
CA LEU A 378 24.26 17.09 30.36
C LEU A 378 25.72 17.56 30.40
N PHE A 379 25.96 18.84 30.69
CA PHE A 379 27.31 19.38 30.78
C PHE A 379 27.65 19.96 32.13
N GLN A 380 26.74 20.72 32.75
CA GLN A 380 27.04 21.30 34.05
C GLN A 380 27.22 20.22 35.11
N ILE A 381 26.44 19.15 35.03
CA ILE A 381 26.57 18.03 35.96
C ILE A 381 27.78 17.15 35.66
N ALA A 382 28.30 17.20 34.44
CA ALA A 382 29.40 16.32 34.02
C ALA A 382 30.76 16.99 33.92
N LEU A 383 30.85 18.27 33.55
CA LEU A 383 32.14 18.87 33.28
C LEU A 383 32.41 20.23 33.94
N GLU A 384 31.43 20.87 34.56
CA GLU A 384 31.69 22.17 35.18
C GLU A 384 32.86 22.06 36.15
N THR A 385 33.69 23.11 36.18
CA THR A 385 34.84 23.18 37.07
C THR A 385 34.65 24.27 38.12
N THR A 386 34.89 23.93 39.38
CA THR A 386 34.80 24.88 40.49
C THR A 386 36.12 25.58 40.78
N ASN A 387 37.22 25.14 40.19
CA ASN A 387 38.52 25.79 40.42
C ASN A 387 38.49 27.23 39.94
N THR A 388 38.99 28.14 40.79
CA THR A 388 39.04 29.56 40.48
C THR A 388 40.30 29.97 39.76
N SER A 389 41.27 29.06 39.59
CA SER A 389 42.50 29.40 38.89
C SER A 389 42.21 29.67 37.41
N ASP A 390 42.91 30.68 36.87
CA ASP A 390 42.69 31.05 35.48
C ASP A 390 42.97 29.89 34.54
N ILE A 391 43.90 29.01 34.91
CA ILE A 391 44.18 27.84 34.09
C ILE A 391 42.94 26.97 33.98
N ALA A 392 42.32 26.67 35.13
CA ALA A 392 41.10 25.86 35.16
C ALA A 392 39.97 26.55 34.41
N ILE A 393 39.88 27.87 34.51
CA ILE A 393 38.84 28.60 33.77
C ILE A 393 39.05 28.47 32.27
N GLU A 394 40.29 28.66 31.81
CA GLU A 394 40.61 28.53 30.39
C GLU A 394 40.29 27.13 29.88
N TRP A 395 40.70 26.10 30.64
CA TRP A 395 40.43 24.73 30.23
C TRP A 395 38.93 24.42 30.25
N ASN A 396 38.22 24.88 31.27
CA ASN A 396 36.77 24.66 31.31
C ASN A 396 36.07 25.34 30.14
N ASN A 397 36.50 26.54 29.78
CA ASN A 397 35.94 27.19 28.60
C ASN A 397 36.23 26.40 27.34
N PHE A 398 37.45 25.86 27.22
CA PHE A 398 37.75 25.03 26.06
C PHE A 398 36.88 23.77 26.03
N ARG A 399 36.62 23.19 27.21
CA ARG A 399 35.72 22.05 27.31
C ARG A 399 34.33 22.40 26.81
N LYS A 400 33.79 23.51 27.30
CA LYS A 400 32.46 23.96 26.89
C LYS A 400 32.39 24.19 25.38
N LEU A 401 33.37 24.91 24.83
CA LEU A 401 33.37 25.19 23.39
C LEU A 401 33.45 23.90 22.57
N ALA A 402 34.40 23.03 22.88
CA ALA A 402 34.55 21.79 22.13
C ALA A 402 33.31 20.91 22.27
N PHE A 403 32.71 20.91 23.46
CA PHE A 403 31.51 20.13 23.71
C PHE A 403 30.34 20.60 22.85
N ASN A 404 29.99 21.88 22.94
CA ASN A 404 28.86 22.37 22.17
C ASN A 404 29.11 22.27 20.65
N GLN A 405 30.33 22.55 20.20
CA GLN A 405 30.60 22.41 18.78
C GLN A 405 30.47 20.97 18.33
N ALA A 406 30.95 20.01 19.14
CA ALA A 406 30.81 18.60 18.78
C ALA A 406 29.34 18.21 18.72
N MET A 407 28.54 18.70 19.68
CA MET A 407 27.12 18.43 19.67
C MET A 407 26.47 18.93 18.38
N ASP A 408 26.75 20.18 18.02
CA ASP A 408 26.22 20.73 16.77
C ASP A 408 26.65 19.90 15.57
N LYS A 409 27.90 19.41 15.58
CA LYS A 409 28.38 18.56 14.50
C LYS A 409 27.59 17.26 14.39
N ILE A 410 27.42 16.56 15.51
CA ILE A 410 26.69 15.30 15.52
C ILE A 410 25.20 15.45 15.19
N PHE A 411 24.59 16.58 15.57
CA PHE A 411 23.17 16.79 15.34
C PHE A 411 22.77 16.64 13.87
N GLN A 412 23.60 17.10 12.93
CA GLN A 412 23.21 16.99 11.53
C GLN A 412 23.10 15.52 11.11
N ASP A 413 24.07 14.71 11.50
CA ASP A 413 24.05 13.29 11.13
C ASP A 413 22.89 12.56 11.79
N ILE A 414 22.72 12.77 13.11
CA ILE A 414 21.62 12.13 13.80
C ILE A 414 20.28 12.55 13.21
N SER A 415 20.18 13.82 12.78
CA SER A 415 18.95 14.29 12.15
C SER A 415 18.69 13.58 10.84
N GLN A 416 19.72 13.45 10.00
CA GLN A 416 19.53 12.75 8.74
C GLN A 416 19.10 11.30 8.97
N GLU A 417 19.70 10.66 9.98
CA GLU A 417 19.34 9.28 10.31
C GLU A 417 17.87 9.15 10.68
N VAL A 418 17.40 9.98 11.62
CA VAL A 418 16.01 9.90 12.05
C VAL A 418 15.08 10.32 10.92
N LYS A 419 15.50 11.28 10.10
CA LYS A 419 14.69 11.71 8.98
C LYS A 419 14.45 10.56 8.01
N ASP A 420 15.52 9.90 7.57
CA ASP A 420 15.35 8.79 6.64
C ASP A 420 14.53 7.67 7.28
N ASN A 421 14.77 7.39 8.56
CA ASN A 421 13.96 6.37 9.24
C ASN A 421 12.48 6.67 9.12
N LEU A 422 12.09 7.92 9.41
CA LEU A 422 10.69 8.29 9.31
C LEU A 422 10.19 8.21 7.87
N THR A 423 10.99 8.68 6.91
CA THR A 423 10.57 8.60 5.52
C THR A 423 10.21 7.17 5.13
N LYS A 424 11.05 6.20 5.53
CA LYS A 424 10.77 4.81 5.22
C LYS A 424 9.52 4.32 5.92
N ASN A 425 9.38 4.62 7.22
CA ASN A 425 8.21 4.13 7.96
C ASN A 425 6.91 4.67 7.35
N CYS A 426 6.86 5.97 7.08
CA CYS A 426 5.65 6.55 6.50
C CYS A 426 5.41 6.05 5.07
N GLN A 427 6.47 5.86 4.27
CA GLN A 427 6.27 5.32 2.94
C GLN A 427 5.58 3.97 3.02
N LYS A 428 6.03 3.11 3.93
CA LYS A 428 5.38 1.81 4.11
C LYS A 428 3.95 1.97 4.58
N LEU A 429 3.72 2.90 5.51
CA LEU A 429 2.37 3.10 6.04
C LEU A 429 1.38 3.54 4.95
N VAL A 430 1.82 4.41 4.04
CA VAL A 430 0.94 4.77 2.93
C VAL A 430 0.79 3.62 1.94
N ALA A 431 1.88 2.87 1.72
CA ALA A 431 1.80 1.72 0.83
C ALA A 431 0.70 0.77 1.30
N LYS A 432 0.55 0.65 2.62
CA LYS A 432 -0.50 -0.20 3.17
C LYS A 432 -1.90 0.25 2.75
N THR A 433 -2.18 1.55 2.85
CA THR A 433 -3.53 2.01 2.49
C THR A 433 -3.77 1.89 0.99
N VAL A 434 -2.78 2.25 0.16
CA VAL A 434 -2.98 2.10 -1.28
C VAL A 434 -3.26 0.64 -1.61
N ARG A 435 -2.52 -0.28 -0.98
CA ARG A 435 -2.75 -1.70 -1.18
C ARG A 435 -4.19 -2.07 -0.82
N HIS A 436 -4.64 -1.65 0.37
CA HIS A 436 -5.99 -2.03 0.80
C HIS A 436 -7.06 -1.47 -0.11
N LYS A 437 -6.88 -0.25 -0.62
CA LYS A 437 -7.90 0.27 -1.53
C LYS A 437 -7.89 -0.49 -2.84
N PHE A 438 -6.71 -0.77 -3.40
CA PHE A 438 -6.67 -1.57 -4.61
C PHE A 438 -7.33 -2.93 -4.37
N MET A 439 -7.13 -3.46 -3.16
CA MET A 439 -7.75 -4.74 -2.80
C MET A 439 -9.27 -4.66 -2.87
N THR A 440 -9.85 -3.64 -2.25
CA THR A 440 -11.31 -3.55 -2.31
C THR A 440 -11.79 -3.25 -3.73
N LYS A 441 -10.94 -2.67 -4.57
CA LYS A 441 -11.28 -2.51 -5.98
C LYS A 441 -11.31 -3.86 -6.69
N LEU A 442 -10.36 -4.74 -6.37
CA LEU A 442 -10.29 -6.06 -6.98
C LEU A 442 -11.40 -6.98 -6.51
N ASP A 443 -11.70 -7.00 -5.21
CA ASP A 443 -12.73 -7.91 -4.74
C ASP A 443 -14.12 -7.48 -5.21
N GLN A 444 -14.49 -7.95 -6.40
CA GLN A 444 -15.78 -7.65 -7.02
C GLN A 444 -16.14 -8.84 -7.87
N ALA A 445 -17.18 -9.57 -7.46
CA ALA A 445 -17.63 -10.73 -8.22
C ALA A 445 -18.21 -10.31 -9.57
N PRO A 446 -18.29 -11.25 -10.52
CA PRO A 446 -18.94 -10.94 -11.79
C PRO A 446 -20.39 -10.55 -11.56
N PHE A 447 -20.87 -9.57 -12.34
CA PHE A 447 -22.24 -9.14 -12.18
C PHE A 447 -23.19 -10.30 -12.44
N ILE A 448 -24.28 -10.33 -11.68
CA ILE A 448 -25.31 -11.36 -11.82
C ILE A 448 -26.55 -10.70 -12.40
N PRO A 449 -27.10 -11.20 -13.52
CA PRO A 449 -28.30 -10.57 -14.07
C PRO A 449 -29.54 -10.88 -13.27
N ASN A 450 -29.59 -12.08 -12.66
CA ASN A 450 -30.74 -12.51 -11.87
C ASN A 450 -30.23 -13.13 -10.58
N VAL A 451 -30.79 -12.67 -9.45
CA VAL A 451 -30.43 -13.24 -8.17
C VAL A 451 -31.10 -14.60 -7.96
N ARG A 452 -32.26 -14.81 -8.58
CA ARG A 452 -33.00 -16.05 -8.40
C ARG A 452 -32.31 -17.22 -9.09
N ASP A 453 -32.10 -17.11 -10.40
CA ASP A 453 -31.49 -18.16 -11.21
C ASP A 453 -30.34 -17.57 -12.01
N PRO A 454 -29.24 -17.26 -11.35
CA PRO A 454 -28.10 -16.66 -12.06
C PRO A 454 -27.42 -17.62 -13.02
N LYS A 455 -27.10 -17.10 -14.20
CA LYS A 455 -26.35 -17.77 -15.24
C LYS A 455 -25.41 -16.74 -15.85
N ILE A 456 -24.41 -17.21 -16.58
CA ILE A 456 -23.53 -16.21 -17.20
C ILE A 456 -24.38 -15.30 -18.07
N PRO A 457 -24.23 -13.98 -17.98
CA PRO A 457 -25.10 -13.07 -18.73
C PRO A 457 -24.67 -12.73 -20.15
N LYS A 458 -25.67 -12.65 -21.03
CA LYS A 458 -25.46 -12.14 -22.37
C LYS A 458 -25.41 -10.63 -22.25
N ILE A 459 -24.37 -9.99 -22.79
CA ILE A 459 -24.18 -8.57 -22.55
C ILE A 459 -24.12 -7.80 -23.85
N LEU A 460 -24.68 -6.58 -23.80
CA LEU A 460 -24.66 -5.63 -24.91
C LEU A 460 -24.15 -4.31 -24.35
N SER A 461 -22.92 -3.95 -24.69
CA SER A 461 -22.34 -2.70 -24.22
C SER A 461 -22.51 -1.60 -25.27
N LEU A 462 -22.67 -0.37 -24.80
CA LEU A 462 -22.83 0.78 -25.66
C LEU A 462 -22.31 2.02 -24.94
N THR A 463 -21.95 3.03 -25.73
CA THR A 463 -21.41 4.27 -25.17
C THR A 463 -22.16 5.47 -25.75
N CYS A 464 -22.37 6.47 -24.89
CA CYS A 464 -23.07 7.69 -25.30
C CYS A 464 -22.27 8.49 -26.31
N GLY A 465 -20.95 8.37 -26.28
CA GLY A 465 -20.11 9.15 -27.18
C GLY A 465 -19.94 10.57 -26.67
N GLN A 466 -19.70 11.49 -27.60
CA GLN A 466 -19.56 12.90 -27.22
C GLN A 466 -20.87 13.52 -26.73
N GLY A 467 -21.99 12.82 -26.85
CA GLY A 467 -23.26 13.30 -26.36
C GLY A 467 -24.11 14.01 -27.38
N ARG A 468 -23.57 14.27 -28.57
CA ARG A 468 -24.27 14.98 -29.64
C ARG A 468 -25.30 14.04 -30.27
N PHE A 469 -26.47 13.93 -29.63
CA PHE A 469 -27.48 13.05 -30.17
C PHE A 469 -27.81 13.47 -31.60
N GLY A 470 -28.06 12.49 -32.45
CA GLY A 470 -28.25 12.75 -33.86
C GLY A 470 -26.95 12.99 -34.60
N ALA A 471 -25.83 12.89 -33.89
CA ALA A 471 -24.48 13.02 -34.43
C ALA A 471 -23.61 12.03 -33.66
N ASP A 472 -22.37 11.88 -34.11
CA ASP A 472 -21.43 10.97 -33.47
C ASP A 472 -22.14 9.67 -33.08
N ALA A 473 -22.62 8.98 -34.11
CA ALA A 473 -23.46 7.79 -34.00
C ALA A 473 -23.14 6.91 -32.79
N ILE A 474 -24.18 6.60 -32.02
CA ILE A 474 -24.03 5.78 -30.83
C ILE A 474 -23.40 4.45 -31.23
N ILE A 475 -22.36 4.04 -30.49
CA ILE A 475 -21.68 2.78 -30.74
C ILE A 475 -22.15 1.76 -29.71
N ALA A 476 -22.44 0.56 -30.17
CA ALA A 476 -22.89 -0.54 -29.33
C ALA A 476 -22.14 -1.81 -29.72
N VAL A 477 -21.97 -2.70 -28.75
CA VAL A 477 -21.27 -3.96 -28.96
C VAL A 477 -21.99 -5.06 -28.20
N TYR A 478 -22.01 -6.25 -28.79
CA TYR A 478 -22.65 -7.43 -28.20
C TYR A 478 -21.60 -8.49 -27.95
N VAL A 479 -21.63 -9.08 -26.76
CA VAL A 479 -20.67 -10.10 -26.35
C VAL A 479 -21.44 -11.26 -25.73
N ASN A 480 -21.06 -12.47 -26.12
CA ASN A 480 -21.72 -13.68 -25.64
C ASN A 480 -21.22 -14.04 -24.24
N ARG A 481 -21.79 -15.11 -23.69
CA ARG A 481 -21.37 -15.60 -22.38
C ARG A 481 -19.89 -15.98 -22.37
N LYS A 482 -19.33 -16.31 -23.53
CA LYS A 482 -17.92 -16.64 -23.62
C LYS A 482 -17.02 -15.42 -23.51
N GLY A 483 -17.58 -14.21 -23.60
CA GLY A 483 -16.78 -13.02 -23.56
C GLY A 483 -16.08 -12.71 -24.86
N ASP A 484 -16.62 -13.19 -25.98
CA ASP A 484 -16.04 -12.96 -27.30
C ASP A 484 -16.84 -11.91 -28.05
N PHE A 485 -16.14 -10.95 -28.65
CA PHE A 485 -16.80 -9.92 -29.45
C PHE A 485 -17.58 -10.56 -30.59
N ILE A 486 -18.88 -10.31 -30.63
CA ILE A 486 -19.74 -10.89 -31.66
C ILE A 486 -20.00 -9.88 -32.77
N ARG A 487 -20.54 -8.71 -32.41
CA ARG A 487 -20.87 -7.73 -33.42
C ARG A 487 -21.03 -6.35 -32.78
N ASP A 488 -20.43 -5.34 -33.39
CA ASP A 488 -20.61 -3.95 -32.96
C ASP A 488 -21.69 -3.31 -33.82
N TYR A 489 -22.59 -2.57 -33.18
CA TYR A 489 -23.68 -1.89 -33.84
C TYR A 489 -23.48 -0.38 -33.82
N LYS A 490 -24.36 0.31 -34.52
CA LYS A 490 -24.32 1.77 -34.63
C LYS A 490 -25.74 2.28 -34.80
N ILE A 491 -26.22 3.05 -33.84
CA ILE A 491 -27.56 3.64 -33.89
C ILE A 491 -27.39 5.12 -34.20
N VAL A 492 -27.56 5.47 -35.48
CA VAL A 492 -27.46 6.87 -35.88
C VAL A 492 -28.75 7.63 -35.65
N ASP A 493 -29.88 6.93 -35.55
CA ASP A 493 -31.16 7.58 -35.33
C ASP A 493 -31.14 8.33 -34.01
N ASN A 494 -31.58 9.59 -34.04
CA ASN A 494 -31.56 10.42 -32.85
C ASN A 494 -32.62 9.93 -31.85
N PRO A 495 -32.24 9.50 -30.65
CA PRO A 495 -33.26 9.12 -29.66
C PRO A 495 -34.15 10.25 -29.21
N PHE A 496 -33.73 11.51 -29.41
CA PHE A 496 -34.47 12.67 -28.94
C PHE A 496 -35.13 13.47 -30.05
N ASP A 497 -35.18 12.96 -31.28
CA ASP A 497 -35.85 13.70 -32.34
C ASP A 497 -37.35 13.60 -32.15
N LYS A 498 -37.97 14.70 -31.70
CA LYS A 498 -39.41 14.72 -31.47
C LYS A 498 -40.21 14.35 -32.71
N THR A 499 -39.62 14.53 -33.90
CA THR A 499 -40.31 14.20 -35.13
C THR A 499 -40.67 12.72 -35.20
N ASN A 500 -39.68 11.83 -35.08
CA ASN A 500 -39.93 10.39 -35.16
C ASN A 500 -39.09 9.62 -34.14
N PRO A 501 -39.38 9.81 -32.84
CA PRO A 501 -38.61 9.05 -31.84
C PRO A 501 -38.75 7.56 -32.04
N GLU A 502 -39.91 7.14 -32.55
CA GLU A 502 -40.17 5.73 -32.80
C GLU A 502 -39.13 5.14 -33.73
N LYS A 503 -38.47 5.95 -34.56
CA LYS A 503 -37.42 5.40 -35.42
C LYS A 503 -36.30 4.82 -34.58
N PHE A 504 -35.77 5.63 -33.66
CA PHE A 504 -34.71 5.15 -32.78
C PHE A 504 -35.21 4.00 -31.93
N GLU A 505 -36.39 4.15 -31.34
CA GLU A 505 -36.93 3.10 -30.48
C GLU A 505 -37.09 1.78 -31.22
N ASP A 506 -37.47 1.86 -32.49
CA ASP A 506 -37.60 0.65 -33.29
C ASP A 506 -36.25 0.04 -33.60
N THR A 507 -35.31 0.83 -34.12
CA THR A 507 -34.02 0.24 -34.46
C THR A 507 -33.37 -0.38 -33.24
N LEU A 508 -33.45 0.28 -32.09
CA LEU A 508 -32.90 -0.28 -30.86
C LEU A 508 -33.60 -1.58 -30.49
N ASP A 509 -34.94 -1.61 -30.57
CA ASP A 509 -35.63 -2.84 -30.27
C ASP A 509 -35.20 -3.95 -31.23
N ASN A 510 -34.94 -3.59 -32.49
CA ASN A 510 -34.45 -4.58 -33.44
C ASN A 510 -33.10 -5.12 -33.03
N ILE A 511 -32.25 -4.26 -32.46
CA ILE A 511 -30.95 -4.74 -31.99
C ILE A 511 -31.15 -5.75 -30.87
N ILE A 512 -32.00 -5.41 -29.90
CA ILE A 512 -32.25 -6.34 -28.80
C ILE A 512 -32.84 -7.64 -29.31
N GLN A 513 -33.81 -7.54 -30.23
CA GLN A 513 -34.43 -8.72 -30.83
C GLN A 513 -33.41 -9.60 -31.54
N SER A 514 -32.41 -8.98 -32.17
CA SER A 514 -31.38 -9.75 -32.87
C SER A 514 -30.40 -10.39 -31.89
N CYS A 515 -29.93 -9.66 -30.89
CA CYS A 515 -28.91 -10.18 -29.99
C CYS A 515 -29.47 -10.78 -28.71
N GLN A 516 -30.67 -10.40 -28.29
CA GLN A 516 -31.30 -10.90 -27.07
C GLN A 516 -30.35 -10.88 -25.88
N PRO A 517 -29.65 -9.78 -25.62
CA PRO A 517 -28.72 -9.74 -24.48
C PRO A 517 -29.47 -9.78 -23.16
N ASN A 518 -28.69 -9.97 -22.08
CA ASN A 518 -29.23 -10.03 -20.74
C ASN A 518 -28.88 -8.83 -19.88
N ALA A 519 -28.00 -7.94 -20.33
CA ALA A 519 -27.66 -6.77 -19.53
C ALA A 519 -27.10 -5.68 -20.44
N ILE A 520 -27.26 -4.44 -19.99
CA ILE A 520 -26.81 -3.26 -20.72
C ILE A 520 -25.89 -2.45 -19.82
N GLY A 521 -24.73 -2.06 -20.35
CA GLY A 521 -23.77 -1.27 -19.61
C GLY A 521 -23.49 0.02 -20.36
N ILE A 522 -23.22 1.09 -19.61
CA ILE A 522 -22.99 2.39 -20.23
C ILE A 522 -22.04 3.20 -19.37
N ASN A 523 -21.22 4.01 -20.04
CA ASN A 523 -20.30 4.96 -19.42
C ASN A 523 -19.84 5.94 -20.49
N GLY A 524 -19.90 7.24 -20.21
CA GLY A 524 -19.49 8.23 -21.18
C GLY A 524 -18.62 9.35 -20.66
N PRO A 525 -18.08 10.16 -21.58
CA PRO A 525 -17.19 11.26 -21.17
C PRO A 525 -17.90 12.43 -20.50
N ASN A 526 -19.18 12.67 -20.77
CA ASN A 526 -19.84 13.83 -20.18
C ASN A 526 -21.26 13.54 -19.70
N PRO A 527 -21.85 14.46 -18.91
CA PRO A 527 -23.19 14.24 -18.36
C PRO A 527 -24.29 13.88 -19.35
N LYS A 528 -24.09 14.08 -20.65
CA LYS A 528 -25.12 13.67 -21.60
C LYS A 528 -25.47 12.21 -21.42
N THR A 529 -24.52 11.42 -20.91
CA THR A 529 -24.76 10.01 -20.63
C THR A 529 -25.98 9.80 -19.73
N GLN A 530 -26.23 10.73 -18.80
CA GLN A 530 -27.41 10.58 -17.95
C GLN A 530 -28.69 10.64 -18.77
N LYS A 531 -28.79 11.63 -19.66
CA LYS A 531 -29.97 11.74 -20.51
C LYS A 531 -30.10 10.50 -21.37
N PHE A 532 -28.98 10.05 -21.94
CA PHE A 532 -28.95 8.84 -22.75
C PHE A 532 -29.50 7.65 -21.98
N TYR A 533 -28.98 7.41 -20.78
CA TYR A 533 -29.43 6.30 -19.95
C TYR A 533 -30.91 6.42 -19.63
N LYS A 534 -31.37 7.61 -19.25
CA LYS A 534 -32.78 7.79 -18.92
C LYS A 534 -33.66 7.46 -20.12
N ARG A 535 -33.26 7.93 -21.30
CA ARG A 535 -34.03 7.61 -22.50
C ARG A 535 -34.04 6.12 -22.75
N LEU A 536 -32.87 5.47 -22.63
CA LEU A 536 -32.80 4.03 -22.82
C LEU A 536 -33.74 3.29 -21.86
N GLN A 537 -33.76 3.71 -20.60
CA GLN A 537 -34.62 3.08 -19.61
C GLN A 537 -36.09 3.25 -19.98
N GLU A 538 -36.51 4.48 -20.28
CA GLU A 538 -37.92 4.68 -20.61
C GLU A 538 -38.30 3.94 -21.88
N VAL A 539 -37.40 3.90 -22.87
CA VAL A 539 -37.69 3.18 -24.10
C VAL A 539 -37.84 1.70 -23.82
N LEU A 540 -36.94 1.14 -23.02
CA LEU A 540 -37.03 -0.27 -22.66
C LEU A 540 -38.37 -0.56 -22.00
N HIS A 541 -38.78 0.29 -21.05
CA HIS A 541 -40.06 0.10 -20.40
C HIS A 541 -41.21 0.18 -21.40
N LYS A 542 -41.15 1.16 -22.31
CA LYS A 542 -42.19 1.29 -23.34
C LYS A 542 -42.30 0.05 -24.20
N LYS A 543 -41.17 -0.52 -24.64
CA LYS A 543 -41.20 -1.71 -25.47
C LYS A 543 -41.44 -2.98 -24.68
N GLN A 544 -41.49 -2.89 -23.35
CA GLN A 544 -41.71 -4.06 -22.49
C GLN A 544 -40.64 -5.12 -22.71
N ILE A 545 -39.39 -4.69 -22.91
CA ILE A 545 -38.31 -5.63 -23.17
C ILE A 545 -37.99 -6.39 -21.89
N VAL A 546 -38.21 -7.71 -21.91
CA VAL A 546 -37.93 -8.54 -20.75
C VAL A 546 -37.26 -9.83 -21.22
N ASP A 547 -36.38 -10.35 -20.36
CA ASP A 547 -35.75 -11.63 -20.61
C ASP A 547 -36.79 -12.74 -20.50
N SER A 548 -36.38 -13.97 -20.83
CA SER A 548 -37.27 -15.09 -20.59
C SER A 548 -37.68 -15.13 -19.13
N ARG A 549 -36.88 -14.51 -18.26
CA ARG A 549 -37.21 -14.35 -16.86
C ARG A 549 -38.52 -13.58 -16.68
N GLY A 550 -38.99 -12.89 -17.72
CA GLY A 550 -40.21 -12.12 -17.67
C GLY A 550 -40.07 -10.71 -17.14
N HIS A 551 -38.95 -10.38 -16.53
CA HIS A 551 -38.71 -9.05 -15.99
C HIS A 551 -37.75 -8.27 -16.89
N THR A 552 -37.78 -6.96 -16.72
CA THR A 552 -37.00 -6.05 -17.57
C THR A 552 -35.50 -6.31 -17.45
N ILE A 553 -34.80 -5.99 -18.52
CA ILE A 553 -33.34 -6.15 -18.55
C ILE A 553 -32.70 -5.07 -17.68
N PRO A 554 -31.86 -5.42 -16.71
CA PRO A 554 -31.24 -4.39 -15.87
C PRO A 554 -30.24 -3.56 -16.64
N ILE A 555 -30.25 -2.25 -16.35
CA ILE A 555 -29.32 -1.28 -16.92
C ILE A 555 -28.51 -0.72 -15.75
N ILE A 556 -27.19 -0.72 -15.90
CA ILE A 556 -26.29 -0.31 -14.83
C ILE A 556 -25.18 0.57 -15.36
N TYR A 557 -24.76 1.53 -14.54
CA TYR A 557 -23.58 2.34 -14.83
C TYR A 557 -22.35 1.58 -14.35
N VAL A 558 -21.34 1.48 -15.21
CA VAL A 558 -20.15 0.71 -14.91
C VAL A 558 -18.90 1.60 -14.98
N GLU A 559 -17.89 1.19 -14.22
CA GLU A 559 -16.60 1.86 -14.24
C GLU A 559 -15.99 1.74 -15.63
N ASP A 560 -15.11 2.68 -15.98
CA ASP A 560 -14.48 2.65 -17.29
C ASP A 560 -13.00 2.99 -17.32
N GLU A 561 -12.38 3.31 -16.16
CA GLU A 561 -10.95 3.65 -16.16
C GLU A 561 -10.15 2.66 -16.99
N VAL A 562 -10.29 1.37 -16.69
CA VAL A 562 -9.59 0.34 -17.44
C VAL A 562 -9.99 0.38 -18.91
N ALA A 563 -11.26 0.65 -19.19
CA ALA A 563 -11.68 0.73 -20.59
C ALA A 563 -10.97 1.85 -21.33
N ILE A 564 -10.81 3.00 -20.67
CA ILE A 564 -10.10 4.12 -21.27
C ILE A 564 -8.63 3.76 -21.51
N ARG A 565 -7.99 3.14 -20.51
CA ARG A 565 -6.59 2.77 -20.71
C ARG A 565 -6.45 1.70 -21.78
N TYR A 566 -7.40 0.77 -21.82
CA TYR A 566 -7.38 -0.34 -22.78
C TYR A 566 -7.44 0.18 -24.20
N GLN A 567 -8.42 1.05 -24.49
CA GLN A 567 -8.55 1.53 -25.87
C GLN A 567 -7.30 2.29 -26.31
N ASN A 568 -6.64 2.99 -25.40
CA ASN A 568 -5.39 3.65 -25.74
C ASN A 568 -4.22 2.68 -25.83
N SER A 569 -4.32 1.54 -25.14
CA SER A 569 -3.23 0.57 -25.12
C SER A 569 -3.09 -0.16 -26.45
N GLU A 570 -1.83 -0.52 -26.76
CA GLU A 570 -1.52 -1.23 -28.00
C GLU A 570 -2.18 -2.62 -28.04
N ARG A 571 -2.34 -3.27 -26.88
CA ARG A 571 -2.95 -4.60 -26.86
C ARG A 571 -4.32 -4.56 -27.52
N ALA A 572 -5.09 -3.51 -27.27
CA ALA A 572 -6.40 -3.38 -27.90
C ALA A 572 -6.23 -3.24 -29.41
N ALA A 573 -5.25 -2.46 -29.84
CA ALA A 573 -5.04 -2.26 -31.27
C ALA A 573 -4.76 -3.58 -31.98
N GLN A 574 -3.84 -4.39 -31.43
CA GLN A 574 -3.60 -5.67 -32.08
C GLN A 574 -4.83 -6.56 -31.98
N GLU A 575 -5.56 -6.48 -30.87
CA GLU A 575 -6.77 -7.30 -30.74
C GLU A 575 -7.84 -6.84 -31.73
N PHE A 576 -8.00 -5.54 -31.88
CA PHE A 576 -9.01 -4.95 -32.77
C PHE A 576 -8.32 -3.90 -33.61
N PRO A 577 -7.57 -4.30 -34.64
CA PRO A 577 -6.83 -3.32 -35.44
C PRO A 577 -7.72 -2.39 -36.24
N ASN A 578 -8.80 -2.89 -36.81
CA ASN A 578 -9.71 -2.08 -37.61
C ASN A 578 -11.05 -1.96 -36.89
N LYS A 579 -11.06 -1.16 -35.82
CA LYS A 579 -12.24 -0.87 -35.03
C LYS A 579 -12.04 0.53 -34.45
N PRO A 580 -13.09 1.32 -34.32
CA PRO A 580 -12.96 2.64 -33.72
C PRO A 580 -12.76 2.55 -32.22
N PRO A 581 -12.20 3.60 -31.61
CA PRO A 581 -11.99 3.58 -30.15
C PRO A 581 -13.25 3.28 -29.34
N LEU A 582 -14.40 3.81 -29.75
CA LEU A 582 -15.65 3.57 -29.02
C LEU A 582 -16.01 2.09 -28.95
N VAL A 583 -15.78 1.34 -30.02
CA VAL A 583 -16.07 -0.10 -29.99
C VAL A 583 -15.17 -0.81 -28.98
N LYS A 584 -13.87 -0.52 -29.03
CA LYS A 584 -12.94 -1.13 -28.09
C LYS A 584 -13.28 -0.75 -26.65
N TYR A 585 -13.68 0.50 -26.44
CA TYR A 585 -14.09 0.95 -25.11
C TYR A 585 -15.31 0.17 -24.63
N CYS A 586 -16.33 0.04 -25.47
CA CYS A 586 -17.52 -0.72 -25.07
C CYS A 586 -17.14 -2.18 -24.77
N ILE A 587 -16.18 -2.70 -25.53
CA ILE A 587 -15.71 -4.07 -25.31
C ILE A 587 -15.09 -4.19 -23.91
N ALA A 588 -14.20 -3.26 -23.57
CA ALA A 588 -13.59 -3.28 -22.26
C ALA A 588 -14.65 -3.13 -21.16
N LEU A 589 -15.67 -2.31 -21.40
CA LEU A 589 -16.74 -2.18 -20.41
C LEU A 589 -17.43 -3.52 -20.18
N ALA A 590 -17.75 -4.23 -21.27
CA ALA A 590 -18.40 -5.53 -21.11
C ALA A 590 -17.49 -6.48 -20.34
N ARG A 591 -16.22 -6.54 -20.73
CA ARG A 591 -15.31 -7.44 -20.02
C ARG A 591 -15.28 -7.10 -18.55
N TYR A 592 -15.22 -5.80 -18.23
CA TYR A 592 -15.22 -5.40 -16.82
C TYR A 592 -16.49 -5.88 -16.14
N MET A 593 -17.57 -6.01 -16.92
CA MET A 593 -18.80 -6.55 -16.35
C MET A 593 -18.68 -8.05 -16.12
N HIS A 594 -17.78 -8.72 -16.84
CA HIS A 594 -17.58 -10.15 -16.64
C HIS A 594 -16.54 -10.50 -15.57
N SER A 595 -15.33 -9.93 -15.61
CA SER A 595 -14.32 -10.22 -14.60
C SER A 595 -13.36 -9.07 -14.37
N PRO A 596 -13.55 -8.28 -13.31
CA PRO A 596 -12.64 -7.15 -13.07
C PRO A 596 -11.23 -7.60 -12.73
N LEU A 597 -11.09 -8.74 -12.04
CA LEU A 597 -9.77 -9.25 -11.67
C LEU A 597 -8.88 -9.39 -12.90
N LEU A 598 -9.39 -10.06 -13.93
CA LEU A 598 -8.61 -10.28 -15.14
C LEU A 598 -8.23 -8.96 -15.78
N GLU A 599 -9.17 -8.02 -15.85
CA GLU A 599 -8.88 -6.73 -16.47
C GLU A 599 -7.75 -6.04 -15.73
N TYR A 600 -7.86 -5.88 -14.41
CA TYR A 600 -6.80 -5.23 -13.66
C TYR A 600 -5.47 -5.95 -13.84
N ALA A 601 -5.51 -7.28 -13.89
CA ALA A 601 -4.28 -8.04 -14.06
C ALA A 601 -3.62 -7.77 -15.41
N ASN A 602 -4.43 -7.66 -16.46
CA ASN A 602 -3.89 -7.46 -17.81
C ASN A 602 -3.17 -6.13 -18.00
N LEU A 603 -3.38 -5.14 -17.15
CA LEU A 603 -2.67 -3.88 -17.34
C LEU A 603 -1.17 -4.05 -17.16
N THR A 604 -0.41 -3.28 -17.94
CA THR A 604 1.04 -3.27 -17.90
C THR A 604 1.56 -2.47 -16.71
N SER A 605 2.83 -2.70 -16.38
CA SER A 605 3.46 -2.12 -15.19
C SER A 605 3.32 -0.61 -15.12
N GLU A 606 3.81 0.11 -16.13
CA GLU A 606 3.77 1.57 -16.10
C GLU A 606 2.35 2.11 -16.21
N GLU A 607 1.51 1.45 -16.99
CA GLU A 607 0.13 1.90 -17.17
C GLU A 607 -0.70 1.70 -15.91
N VAL A 608 -0.59 0.52 -15.28
CA VAL A 608 -1.29 0.32 -14.02
C VAL A 608 -0.71 1.24 -12.95
N ARG A 609 0.60 1.47 -12.97
CA ARG A 609 1.20 2.38 -11.99
C ARG A 609 0.63 3.79 -12.15
N SER A 610 0.42 4.23 -13.39
CA SER A 610 -0.16 5.54 -13.65
C SER A 610 -1.68 5.53 -13.54
N LEU A 611 -2.27 4.45 -13.04
CA LEU A 611 -3.70 4.42 -12.80
C LEU A 611 -4.00 5.20 -11.52
N SER A 612 -4.99 6.09 -11.59
CA SER A 612 -5.35 6.91 -10.44
C SER A 612 -6.04 6.07 -9.39
N ILE A 613 -5.26 5.49 -8.49
CA ILE A 613 -5.78 4.66 -7.41
C ILE A 613 -5.79 5.42 -6.08
N HIS A 614 -4.73 6.16 -5.77
CA HIS A 614 -4.68 6.95 -4.55
C HIS A 614 -4.17 8.35 -4.89
N PRO A 615 -4.80 9.40 -4.35
CA PRO A 615 -4.36 10.76 -4.71
C PRO A 615 -2.87 11.00 -4.55
N HIS A 616 -2.23 10.48 -3.51
CA HIS A 616 -0.81 10.67 -3.28
C HIS A 616 0.01 9.43 -3.62
N GLN A 617 -0.50 8.59 -4.51
CA GLN A 617 0.23 7.39 -4.92
C GLN A 617 1.60 7.73 -5.48
N ASN A 618 1.70 8.87 -6.18
CA ASN A 618 2.97 9.28 -6.77
C ASN A 618 4.04 9.56 -5.72
N LEU A 619 3.66 9.72 -4.45
CA LEU A 619 4.68 9.94 -3.42
C LEU A 619 5.55 8.72 -3.25
N LEU A 620 4.99 7.52 -3.36
CA LEU A 620 5.75 6.29 -3.23
C LEU A 620 6.54 6.02 -4.50
N SER A 621 7.76 5.50 -4.33
CA SER A 621 8.56 5.14 -5.49
C SER A 621 8.07 3.84 -6.11
N SER A 622 8.54 3.58 -7.33
CA SER A 622 8.12 2.41 -8.09
C SER A 622 8.24 1.11 -7.31
N GLU A 623 9.31 0.94 -6.53
CA GLU A 623 9.49 -0.31 -5.80
C GLU A 623 8.42 -0.53 -4.73
N GLN A 624 8.15 0.47 -3.90
CA GLN A 624 7.16 0.28 -2.84
C GLN A 624 5.75 0.13 -3.42
N LEU A 625 5.40 0.96 -4.40
CA LEU A 625 4.06 0.87 -4.97
C LEU A 625 3.88 -0.45 -5.70
N SER A 626 4.85 -0.83 -6.53
CA SER A 626 4.73 -2.09 -7.26
C SER A 626 4.59 -3.26 -6.29
N TRP A 627 5.44 -3.31 -5.26
CA TRP A 627 5.34 -4.41 -4.29
C TRP A 627 3.96 -4.43 -3.63
N ALA A 628 3.50 -3.26 -3.17
CA ALA A 628 2.20 -3.20 -2.53
C ALA A 628 1.11 -3.72 -3.45
N LEU A 629 1.14 -3.32 -4.72
CA LEU A 629 0.14 -3.79 -5.65
C LEU A 629 0.25 -5.30 -5.86
N GLU A 630 1.48 -5.81 -5.98
CA GLU A 630 1.67 -7.24 -6.18
C GLU A 630 1.02 -8.03 -5.06
N THR A 631 1.11 -7.54 -3.82
CA THR A 631 0.51 -8.29 -2.72
C THR A 631 -0.99 -8.46 -2.92
N ALA A 632 -1.65 -7.43 -3.46
CA ALA A 632 -3.10 -7.51 -3.66
C ALA A 632 -3.44 -8.53 -4.74
N PHE A 633 -2.73 -8.50 -5.86
CA PHE A 633 -2.95 -9.48 -6.90
C PHE A 633 -2.75 -10.89 -6.37
N VAL A 634 -1.69 -11.11 -5.59
CA VAL A 634 -1.44 -12.43 -5.02
C VAL A 634 -2.61 -12.88 -4.16
N ASP A 635 -3.06 -12.02 -3.24
CA ASP A 635 -4.17 -12.41 -2.38
C ASP A 635 -5.43 -12.70 -3.18
N ILE A 636 -5.86 -11.75 -4.01
CA ILE A 636 -7.14 -11.93 -4.69
C ILE A 636 -7.10 -13.09 -5.66
N VAL A 637 -6.01 -13.25 -6.41
CA VAL A 637 -5.93 -14.39 -7.32
C VAL A 637 -6.00 -15.69 -6.54
N ASN A 638 -5.33 -15.76 -5.39
CA ASN A 638 -5.41 -16.98 -4.59
C ASN A 638 -6.76 -17.10 -3.90
N LEU A 639 -7.61 -16.08 -3.97
CA LEU A 639 -8.94 -16.19 -3.39
C LEU A 639 -9.88 -17.03 -4.26
N VAL A 640 -9.67 -17.04 -5.57
CA VAL A 640 -10.46 -17.86 -6.49
C VAL A 640 -9.51 -18.61 -7.42
N SER A 641 -9.72 -19.92 -7.51
CA SER A 641 -8.83 -20.79 -8.27
C SER A 641 -8.74 -20.39 -9.74
N VAL A 642 -7.66 -20.82 -10.38
CA VAL A 642 -7.38 -20.55 -11.79
C VAL A 642 -7.53 -21.86 -12.56
N GLU A 643 -8.37 -21.86 -13.59
CA GLU A 643 -8.60 -23.06 -14.40
C GLU A 643 -7.45 -23.24 -15.37
N VAL A 644 -6.53 -24.15 -15.02
CA VAL A 644 -5.32 -24.37 -15.81
C VAL A 644 -5.68 -24.71 -17.25
N ASN A 645 -6.78 -25.44 -17.45
CA ASN A 645 -7.19 -25.78 -18.80
C ASN A 645 -7.40 -24.52 -19.64
N LYS A 646 -8.09 -23.53 -19.08
CA LYS A 646 -8.23 -22.28 -19.82
C LYS A 646 -6.88 -21.56 -19.89
N ALA A 647 -6.13 -21.61 -18.80
CA ALA A 647 -4.85 -20.91 -18.72
C ALA A 647 -3.86 -21.35 -19.78
N THR A 648 -4.02 -22.56 -20.34
CA THR A 648 -3.07 -23.00 -21.36
C THR A 648 -3.26 -22.26 -22.69
N ASP A 649 -4.46 -21.77 -22.98
CA ASP A 649 -4.71 -21.15 -24.26
C ASP A 649 -5.29 -19.75 -24.16
N ASN A 650 -6.16 -19.49 -23.20
CA ASN A 650 -6.74 -18.16 -23.02
C ASN A 650 -5.72 -17.24 -22.36
N ASN A 651 -4.76 -16.79 -23.19
CA ASN A 651 -3.66 -15.98 -22.68
C ASN A 651 -4.18 -14.82 -21.85
N TYR A 652 -5.25 -14.17 -22.30
CA TYR A 652 -5.85 -13.09 -21.54
C TYR A 652 -6.24 -13.57 -20.15
N TYR A 653 -6.86 -14.74 -20.06
CA TYR A 653 -7.28 -15.33 -18.80
C TYR A 653 -6.12 -15.96 -18.03
N ALA A 654 -5.04 -16.33 -18.71
CA ALA A 654 -3.89 -16.99 -18.09
C ALA A 654 -2.86 -16.02 -17.52
N SER A 655 -2.76 -14.80 -18.06
CA SER A 655 -1.72 -13.87 -17.62
C SER A 655 -1.72 -13.63 -16.12
N ALA A 656 -2.80 -13.93 -15.42
CA ALA A 656 -2.79 -13.79 -13.97
C ALA A 656 -1.94 -14.85 -13.27
N LEU A 657 -1.50 -15.88 -14.01
CA LEU A 657 -0.73 -16.96 -13.40
C LEU A 657 0.53 -16.47 -12.70
N LYS A 658 1.18 -15.43 -13.24
CA LYS A 658 2.38 -14.92 -12.59
C LYS A 658 2.13 -14.52 -11.15
N TYR A 659 0.90 -14.16 -10.81
CA TYR A 659 0.58 -13.77 -9.44
C TYR A 659 0.05 -14.93 -8.60
N ILE A 660 -0.17 -16.10 -9.20
CA ILE A 660 -0.61 -17.24 -8.39
C ILE A 660 0.51 -17.61 -7.42
N SER A 661 0.12 -18.10 -6.26
CA SER A 661 1.07 -18.51 -5.24
C SER A 661 2.14 -19.42 -5.81
N GLY A 662 3.40 -19.07 -5.59
CA GLY A 662 4.51 -19.86 -6.08
C GLY A 662 4.76 -19.83 -7.56
N PHE A 663 4.54 -18.68 -8.20
CA PHE A 663 4.80 -18.54 -9.62
C PHE A 663 5.34 -17.14 -9.89
N GLY A 664 5.82 -16.93 -11.11
CA GLY A 664 6.31 -15.63 -11.49
C GLY A 664 6.92 -15.66 -12.87
N LYS A 665 7.44 -14.49 -13.27
CA LYS A 665 7.96 -14.27 -14.61
C LYS A 665 8.78 -15.44 -15.14
N ARG A 666 9.84 -15.80 -14.41
CA ARG A 666 10.71 -16.87 -14.89
C ARG A 666 9.97 -18.20 -15.05
N LYS A 667 9.07 -18.51 -14.13
CA LYS A 667 8.39 -19.81 -14.18
C LYS A 667 7.04 -19.80 -14.87
N ALA A 668 6.38 -18.65 -15.00
CA ALA A 668 5.11 -18.64 -15.72
C ALA A 668 5.31 -19.12 -17.15
N ILE A 669 6.36 -18.61 -17.81
CA ILE A 669 6.70 -19.03 -19.17
C ILE A 669 6.97 -20.52 -19.23
N ASP A 670 7.77 -21.03 -18.29
CA ASP A 670 8.08 -22.46 -18.29
C ASP A 670 6.83 -23.30 -18.10
N PHE A 671 5.96 -22.90 -17.18
CA PHE A 671 4.73 -23.67 -16.92
C PHE A 671 3.85 -23.70 -18.16
N LEU A 672 3.62 -22.54 -18.77
CA LEU A 672 2.78 -22.49 -19.96
C LEU A 672 3.38 -23.31 -21.09
N GLN A 673 4.69 -23.18 -21.32
CA GLN A 673 5.34 -23.99 -22.34
C GLN A 673 5.22 -25.47 -22.03
N SER A 674 5.33 -25.86 -20.76
CA SER A 674 5.20 -27.26 -20.40
C SER A 674 3.82 -27.78 -20.76
N LEU A 675 2.79 -26.98 -20.51
CA LEU A 675 1.44 -27.39 -20.89
C LEU A 675 1.33 -27.52 -22.41
N GLN A 676 1.97 -26.61 -23.14
CA GLN A 676 1.95 -26.71 -24.60
C GLN A 676 2.63 -27.99 -25.06
N ARG A 677 3.78 -28.30 -24.47
CA ARG A 677 4.51 -29.52 -24.83
C ARG A 677 3.65 -30.76 -24.57
N LEU A 678 2.96 -30.79 -23.43
CA LEU A 678 2.11 -31.93 -23.13
C LEU A 678 1.07 -32.12 -24.24
N ASN A 679 0.55 -31.04 -24.79
CA ASN A 679 -0.42 -31.10 -25.88
C ASN A 679 -1.66 -31.90 -25.49
N GLU A 680 -1.95 -31.99 -24.19
CA GLU A 680 -3.11 -32.71 -23.71
C GLU A 680 -3.61 -32.02 -22.45
N PRO A 681 -4.88 -32.19 -22.09
CA PRO A 681 -5.40 -31.56 -20.88
C PRO A 681 -5.04 -32.38 -19.65
N LEU A 682 -4.67 -31.68 -18.58
CA LEU A 682 -4.39 -32.35 -17.33
C LEU A 682 -5.65 -33.01 -16.79
N LEU A 683 -5.50 -34.22 -16.26
CA LEU A 683 -6.61 -34.99 -15.72
C LEU A 683 -6.60 -35.09 -14.20
N ALA A 684 -5.44 -34.99 -13.57
CA ALA A 684 -5.34 -35.04 -12.12
C ALA A 684 -4.13 -34.24 -11.68
N ARG A 685 -4.27 -33.57 -10.53
CA ARG A 685 -3.19 -32.72 -10.04
C ARG A 685 -1.87 -33.46 -9.93
N GLN A 686 -1.92 -34.75 -9.59
CA GLN A 686 -0.68 -35.51 -9.45
C GLN A 686 0.13 -35.50 -10.74
N GLN A 687 -0.52 -35.34 -11.88
CA GLN A 687 0.20 -35.32 -13.15
C GLN A 687 1.25 -34.22 -13.18
N LEU A 688 1.03 -33.15 -12.42
CA LEU A 688 1.98 -32.05 -12.35
C LEU A 688 3.31 -32.47 -11.73
N ILE A 689 3.31 -33.46 -10.86
CA ILE A 689 4.51 -33.96 -10.23
C ILE A 689 5.02 -35.25 -10.88
N THR A 690 4.12 -36.13 -11.31
CA THR A 690 4.57 -37.37 -11.95
C THR A 690 5.36 -37.07 -13.22
N HIS A 691 4.84 -36.21 -14.09
CA HIS A 691 5.57 -35.82 -15.27
C HIS A 691 6.68 -34.83 -14.96
N ASN A 692 6.91 -34.56 -13.67
CA ASN A 692 7.92 -33.61 -13.22
C ASN A 692 7.69 -32.23 -13.83
N ILE A 693 6.42 -31.86 -14.03
CA ILE A 693 6.14 -30.53 -14.55
C ILE A 693 6.54 -29.48 -13.52
N LEU A 694 6.19 -29.73 -12.26
CA LEU A 694 6.52 -28.88 -11.14
C LEU A 694 7.58 -29.56 -10.27
N HIS A 695 8.08 -28.81 -9.31
CA HIS A 695 8.99 -29.32 -8.28
C HIS A 695 8.24 -29.40 -6.97
N LYS A 696 8.76 -30.21 -6.05
CA LYS A 696 8.05 -30.48 -4.80
C LYS A 696 7.58 -29.19 -4.12
N THR A 697 8.50 -28.26 -3.88
CA THR A 697 8.14 -27.03 -3.17
C THR A 697 7.08 -26.24 -3.93
N ILE A 698 7.29 -26.02 -5.24
CA ILE A 698 6.32 -25.29 -6.04
C ILE A 698 4.94 -25.94 -6.00
N PHE A 699 4.88 -27.26 -6.16
CA PHE A 699 3.60 -27.95 -6.11
C PHE A 699 2.95 -27.82 -4.74
N MET A 700 3.73 -27.97 -3.67
CA MET A 700 3.17 -27.81 -2.34
C MET A 700 2.62 -26.40 -2.16
N ASN A 701 3.35 -25.39 -2.66
CA ASN A 701 2.94 -24.01 -2.51
C ASN A 701 1.75 -23.61 -3.38
N SER A 702 1.43 -24.39 -4.43
CA SER A 702 0.39 -23.98 -5.36
C SER A 702 -0.63 -25.06 -5.72
N ALA A 703 -0.36 -26.33 -5.45
CA ALA A 703 -1.29 -27.38 -5.89
C ALA A 703 -2.71 -27.16 -5.40
N GLY A 704 -2.88 -26.45 -4.29
CA GLY A 704 -4.22 -26.19 -3.77
C GLY A 704 -5.02 -25.16 -4.53
N PHE A 705 -4.35 -24.24 -5.23
CA PHE A 705 -5.04 -23.20 -5.99
C PHE A 705 -5.43 -23.66 -7.40
N LEU A 706 -4.50 -24.28 -8.12
CA LEU A 706 -4.82 -24.77 -9.46
C LEU A 706 -5.90 -25.85 -9.35
N TYR A 707 -6.80 -25.87 -10.32
CA TYR A 707 -7.88 -26.84 -10.30
C TYR A 707 -8.26 -27.28 -11.71
N ILE A 708 -8.94 -28.42 -11.75
CA ILE A 708 -9.43 -29.05 -12.98
C ILE A 708 -10.94 -29.06 -12.93
N SER A 709 -11.58 -28.50 -13.95
CA SER A 709 -13.04 -28.46 -13.99
C SER A 709 -13.59 -29.86 -14.23
N TRP A 710 -14.51 -30.28 -13.37
CA TRP A 710 -15.14 -31.59 -13.45
C TRP A 710 -16.37 -31.57 -14.36
N ASN A 711 -16.60 -32.71 -15.01
CA ASN A 711 -17.70 -32.89 -15.94
C ASN A 711 -18.33 -34.26 -15.70
N GLU A 712 -19.39 -34.55 -16.44
CA GLU A 712 -20.10 -35.81 -16.31
C GLU A 712 -20.58 -36.02 -14.87
N ASP A 719 -13.19 -41.78 -18.42
CA ASP A 719 -13.86 -40.64 -17.78
C ASP A 719 -13.99 -40.88 -16.27
N LEU A 720 -14.10 -42.15 -15.88
CA LEU A 720 -14.26 -42.48 -14.47
C LEU A 720 -12.99 -42.18 -13.67
N GLU A 721 -11.83 -42.21 -14.32
CA GLU A 721 -10.57 -41.92 -13.64
C GLU A 721 -10.59 -40.52 -13.02
N HIS A 722 -11.36 -39.60 -13.58
CA HIS A 722 -11.42 -38.25 -13.05
C HIS A 722 -12.04 -38.26 -11.66
N ASP A 723 -11.61 -37.30 -10.84
CA ASP A 723 -11.98 -37.24 -9.43
C ASP A 723 -12.66 -35.92 -9.09
N GLN A 724 -13.70 -36.02 -8.26
CA GLN A 724 -14.42 -34.83 -7.81
C GLN A 724 -13.47 -33.85 -7.13
N LEU A 725 -12.50 -34.37 -6.37
CA LEU A 725 -11.56 -33.52 -5.65
C LEU A 725 -10.73 -32.66 -6.60
N ASP A 726 -10.55 -33.11 -7.84
CA ASP A 726 -9.80 -32.31 -8.81
C ASP A 726 -10.55 -31.04 -9.23
N SER A 727 -11.82 -30.91 -8.85
CA SER A 727 -12.62 -29.72 -9.15
C SER A 727 -13.01 -29.01 -7.85
N THR A 728 -12.14 -29.09 -6.85
CA THR A 728 -12.36 -28.51 -5.54
C THR A 728 -11.03 -27.96 -5.03
N ARG A 729 -11.09 -26.86 -4.29
CA ARG A 729 -9.86 -26.21 -3.85
C ARG A 729 -9.26 -26.86 -2.62
N ILE A 730 -9.09 -28.19 -2.67
CA ILE A 730 -8.54 -28.98 -1.58
C ILE A 730 -7.11 -29.34 -1.95
N HIS A 731 -6.19 -29.14 -1.01
CA HIS A 731 -4.81 -29.47 -1.26
C HIS A 731 -4.68 -30.99 -1.34
N PRO A 732 -3.69 -31.53 -2.05
CA PRO A 732 -3.57 -32.99 -2.09
C PRO A 732 -3.36 -33.61 -0.73
N GLU A 733 -2.66 -32.91 0.17
CA GLU A 733 -2.43 -33.44 1.52
C GLU A 733 -3.71 -33.78 2.25
N ASP A 734 -4.76 -32.98 2.09
CA ASP A 734 -6.02 -33.25 2.75
C ASP A 734 -7.00 -34.08 1.92
N TYR A 735 -6.59 -34.61 0.76
CA TYR A 735 -7.49 -35.48 0.02
C TYR A 735 -7.86 -36.71 0.84
N HIS A 736 -6.89 -37.33 1.50
CA HIS A 736 -7.17 -38.49 2.33
C HIS A 736 -8.14 -38.10 3.44
N LEU A 737 -7.90 -36.96 4.09
CA LEU A 737 -8.82 -36.49 5.12
C LEU A 737 -10.22 -36.33 4.55
N ALA A 738 -10.31 -35.77 3.35
CA ALA A 738 -11.61 -35.58 2.71
C ALA A 738 -12.33 -36.92 2.58
N THR A 739 -11.63 -37.92 2.06
CA THR A 739 -12.25 -39.24 1.90
C THR A 739 -12.65 -39.84 3.25
N LYS A 740 -11.82 -39.65 4.28
CA LYS A 740 -12.13 -40.19 5.60
C LYS A 740 -13.37 -39.52 6.20
N VAL A 741 -13.43 -38.20 6.12
CA VAL A 741 -14.59 -37.49 6.66
C VAL A 741 -15.83 -37.83 5.86
N ALA A 742 -15.71 -37.97 4.54
CA ALA A 742 -16.87 -38.39 3.77
C ALA A 742 -17.33 -39.77 4.23
N ALA A 743 -16.38 -40.66 4.50
CA ALA A 743 -16.73 -41.99 4.99
C ALA A 743 -17.50 -41.91 6.30
N ASP A 744 -17.06 -41.04 7.21
CA ASP A 744 -17.79 -40.86 8.46
C ASP A 744 -19.17 -40.29 8.19
N ALA A 745 -19.28 -39.30 7.30
CA ALA A 745 -20.56 -38.74 6.95
C ALA A 745 -21.46 -39.76 6.26
N LEU A 746 -20.88 -40.88 5.82
CA LEU A 746 -21.63 -41.98 5.22
C LEU A 746 -21.92 -43.09 6.23
N GLU A 747 -21.43 -42.93 7.46
CA GLU A 747 -21.63 -43.92 8.52
C GLU A 747 -21.24 -45.34 8.10
N TYR A 748 -20.15 -45.44 7.34
CA TYR A 748 -19.68 -46.77 6.95
C TYR A 748 -19.30 -47.54 8.21
N ASP A 749 -19.51 -48.86 8.16
CA ASP A 749 -19.17 -49.68 9.32
C ASP A 749 -17.66 -49.73 9.53
N PRO A 750 -17.19 -49.58 10.78
CA PRO A 750 -15.74 -49.56 11.01
C PRO A 750 -14.98 -50.65 10.28
N ASP A 751 -15.57 -51.85 10.21
CA ASP A 751 -14.91 -52.95 9.51
C ASP A 751 -14.85 -52.66 8.01
N THR A 752 -15.91 -52.13 7.43
CA THR A 752 -15.82 -51.82 6.00
C THR A 752 -14.84 -50.68 5.78
N ILE A 753 -14.69 -49.77 6.75
CA ILE A 753 -13.69 -48.73 6.59
C ILE A 753 -12.31 -49.36 6.47
N ALA A 754 -11.97 -50.23 7.42
CA ALA A 754 -10.65 -50.85 7.39
C ALA A 754 -10.46 -51.69 6.13
N GLU A 755 -11.49 -52.43 5.73
CA GLU A 755 -11.38 -53.25 4.52
C GLU A 755 -11.19 -52.40 3.27
N LYS A 756 -12.02 -51.37 3.09
CA LYS A 756 -11.91 -50.51 1.93
C LYS A 756 -10.56 -49.79 1.91
N GLU A 757 -10.07 -49.39 3.08
CA GLU A 757 -8.77 -48.74 3.12
C GLU A 757 -7.66 -49.70 2.72
N GLU A 758 -7.65 -50.89 3.32
CA GLU A 758 -6.64 -51.88 2.95
C GLU A 758 -6.80 -52.26 1.49
N GLN A 759 -8.03 -52.21 0.98
CA GLN A 759 -8.33 -52.47 -0.41
C GLN A 759 -8.03 -51.28 -1.31
N GLY A 760 -7.78 -50.10 -0.73
CA GLY A 760 -7.52 -48.90 -1.51
C GLY A 760 -8.73 -48.40 -2.26
N THR A 761 -9.92 -48.44 -1.64
CA THR A 761 -11.17 -48.10 -2.28
C THR A 761 -11.81 -46.89 -1.60
N MET A 762 -11.05 -45.82 -1.42
CA MET A 762 -11.57 -44.61 -0.79
C MET A 762 -12.45 -43.81 -1.75
N SER A 763 -12.05 -43.71 -3.02
CA SER A 763 -12.80 -42.92 -3.99
C SER A 763 -14.26 -43.32 -4.08
N GLU A 764 -14.57 -44.60 -3.87
CA GLU A 764 -15.97 -45.03 -3.93
C GLU A 764 -16.84 -44.29 -2.93
N PHE A 765 -16.25 -43.84 -1.81
CA PHE A 765 -17.03 -43.15 -0.79
C PHE A 765 -17.65 -41.86 -1.33
N ILE A 766 -16.83 -40.99 -1.91
CA ILE A 766 -17.35 -39.72 -2.42
C ILE A 766 -18.36 -39.95 -3.54
N GLU A 767 -18.19 -40.98 -4.35
CA GLU A 767 -19.19 -41.26 -5.37
C GLU A 767 -20.50 -41.72 -4.76
N LEU A 768 -20.44 -42.58 -3.74
CA LEU A 768 -21.66 -43.00 -3.07
C LEU A 768 -22.36 -41.78 -2.46
N LEU A 769 -21.59 -40.87 -1.87
CA LEU A 769 -22.17 -39.64 -1.33
C LEU A 769 -22.83 -38.82 -2.43
N ARG A 770 -22.18 -38.71 -3.58
CA ARG A 770 -22.74 -37.95 -4.68
C ARG A 770 -24.06 -38.56 -5.14
N GLU A 771 -24.16 -39.89 -5.11
CA GLU A 771 -25.35 -40.58 -5.58
C GLU A 771 -26.58 -40.30 -4.71
N ASP A 772 -26.45 -40.37 -3.39
CA ASP A 772 -27.63 -40.25 -2.54
C ASP A 772 -28.26 -38.85 -2.62
N PRO A 773 -29.60 -38.76 -2.45
CA PRO A 773 -30.28 -37.47 -2.53
C PRO A 773 -30.30 -36.68 -1.23
N ASP A 774 -30.24 -37.37 -0.09
CA ASP A 774 -30.27 -36.73 1.23
C ASP A 774 -28.91 -36.18 1.65
N ARG A 775 -28.22 -35.53 0.71
CA ARG A 775 -26.88 -35.02 0.98
C ARG A 775 -26.88 -34.09 2.18
N ARG A 776 -27.81 -33.13 2.22
CA ARG A 776 -27.86 -32.16 3.31
C ARG A 776 -28.10 -32.84 4.65
N ALA A 777 -29.18 -33.62 4.76
CA ALA A 777 -29.54 -34.27 6.01
C ALA A 777 -28.42 -35.12 6.59
N LYS A 778 -27.59 -35.72 5.74
CA LYS A 778 -26.50 -36.58 6.21
C LYS A 778 -25.20 -35.82 6.46
N LEU A 779 -24.84 -34.89 5.58
CA LEU A 779 -23.55 -34.20 5.70
C LEU A 779 -23.53 -33.22 6.87
N GLU A 780 -24.44 -32.24 6.87
CA GLU A 780 -24.40 -31.24 7.91
C GLU A 780 -24.60 -31.82 9.31
N SER A 781 -25.16 -33.03 9.41
CA SER A 781 -25.33 -33.66 10.71
C SER A 781 -24.00 -33.85 11.42
N LEU A 782 -22.90 -33.95 10.66
CA LEU A 782 -21.58 -34.17 11.25
C LEU A 782 -21.13 -32.96 12.05
N ASN A 783 -20.69 -33.21 13.29
CA ASN A 783 -20.15 -32.16 14.16
C ASN A 783 -18.66 -32.03 13.88
N LEU A 784 -18.29 -30.93 13.23
CA LEU A 784 -16.90 -30.70 12.86
C LEU A 784 -15.97 -30.67 14.07
N GLU A 785 -16.42 -30.05 15.16
CA GLU A 785 -15.55 -29.89 16.33
C GLU A 785 -15.07 -31.24 16.87
N SER A 786 -15.98 -32.19 17.05
CA SER A 786 -15.60 -33.50 17.57
C SER A 786 -14.57 -34.18 16.67
N TYR A 787 -14.82 -34.16 15.36
CA TYR A 787 -13.91 -34.81 14.42
C TYR A 787 -12.54 -34.16 14.47
N ALA A 788 -12.49 -32.83 14.46
CA ALA A 788 -11.21 -32.13 14.47
C ALA A 788 -10.44 -32.39 15.76
N GLU A 789 -11.13 -32.35 16.90
CA GLU A 789 -10.47 -32.62 18.17
C GLU A 789 -9.92 -34.04 18.23
N GLU A 790 -10.70 -35.02 17.75
CA GLU A 790 -10.19 -36.39 17.71
C GLU A 790 -9.01 -36.51 16.76
N LEU A 791 -9.08 -35.84 15.61
CA LEU A 791 -7.99 -35.87 14.65
C LEU A 791 -6.70 -35.36 15.28
N GLU A 792 -6.78 -34.21 15.96
CA GLU A 792 -5.58 -33.67 16.60
C GLU A 792 -5.11 -34.57 17.74
N LYS A 793 -6.05 -35.14 18.49
CA LYS A 793 -5.68 -36.01 19.61
C LYS A 793 -4.92 -37.24 19.13
N ASN A 794 -5.34 -37.83 18.02
CA ASN A 794 -4.70 -39.05 17.54
C ASN A 794 -3.48 -38.77 16.65
N THR A 795 -3.62 -37.89 15.67
CA THR A 795 -2.52 -37.58 14.75
C THR A 795 -1.63 -36.45 15.26
N GLY A 796 -2.18 -35.51 16.02
CA GLY A 796 -1.43 -34.36 16.48
C GLY A 796 -1.54 -33.11 15.61
N LEU A 797 -2.16 -33.21 14.44
CA LEU A 797 -2.30 -32.05 13.58
C LEU A 797 -3.43 -31.15 14.07
N ARG A 798 -3.57 -29.98 13.43
CA ARG A 798 -4.59 -29.01 13.80
C ARG A 798 -5.22 -28.49 12.50
N LYS A 799 -6.40 -29.03 12.15
CA LYS A 799 -7.01 -28.74 10.85
C LYS A 799 -8.53 -28.53 10.93
N LEU A 800 -9.04 -27.94 12.00
CA LEU A 800 -10.49 -27.75 12.11
C LEU A 800 -11.03 -26.87 10.99
N ASN A 801 -10.46 -25.68 10.78
CA ASN A 801 -10.96 -24.80 9.74
C ASN A 801 -10.81 -25.44 8.36
N ASN A 802 -9.70 -26.13 8.12
CA ASN A 802 -9.55 -26.84 6.85
C ASN A 802 -10.65 -27.89 6.69
N LEU A 803 -10.91 -28.66 7.74
CA LEU A 803 -11.98 -29.65 7.67
C LEU A 803 -13.32 -28.96 7.39
N ASN A 804 -13.53 -27.78 7.96
CA ASN A 804 -14.76 -27.04 7.69
C ASN A 804 -14.85 -26.68 6.22
N THR A 805 -13.76 -26.17 5.65
CA THR A 805 -13.78 -25.85 4.23
C THR A 805 -14.06 -27.10 3.40
N ILE A 806 -13.56 -28.25 3.86
CA ILE A 806 -13.80 -29.51 3.17
C ILE A 806 -15.29 -29.80 3.13
N VAL A 807 -15.89 -29.92 4.29
CA VAL A 807 -17.32 -30.25 4.37
C VAL A 807 -18.15 -29.21 3.64
N LEU A 808 -17.78 -27.94 3.76
CA LEU A 808 -18.49 -26.86 3.08
C LEU A 808 -18.48 -27.05 1.56
N GLU A 809 -17.30 -27.25 0.98
CA GLU A 809 -17.21 -27.44 -0.46
C GLU A 809 -17.70 -28.80 -0.90
N LEU A 810 -17.89 -29.75 0.02
CA LEU A 810 -18.40 -31.05 -0.35
C LEU A 810 -19.86 -30.97 -0.78
N LEU A 811 -20.54 -29.87 -0.49
CA LEU A 811 -21.91 -29.66 -0.96
C LEU A 811 -21.91 -29.29 -2.43
N ASP A 812 -21.33 -28.15 -2.77
CA ASP A 812 -21.29 -27.66 -4.14
C ASP A 812 -19.88 -27.17 -4.41
N GLY A 813 -19.33 -27.59 -5.54
CA GLY A 813 -17.96 -27.23 -5.87
C GLY A 813 -17.77 -25.79 -6.30
N PHE A 814 -16.68 -25.20 -5.81
CA PHE A 814 -16.26 -23.84 -6.16
C PHE A 814 -17.36 -22.79 -5.98
N GLU A 815 -17.84 -22.65 -4.75
CA GLU A 815 -18.78 -21.58 -4.47
C GLU A 815 -18.03 -20.25 -4.59
N GLU A 816 -18.71 -19.25 -5.14
CA GLU A 816 -18.07 -17.94 -5.28
C GLU A 816 -17.82 -17.29 -3.92
N LEU A 817 -16.59 -16.81 -3.73
CA LEU A 817 -16.20 -16.17 -2.49
C LEU A 817 -16.18 -14.65 -2.57
N ARG A 818 -15.87 -14.09 -3.73
CA ARG A 818 -15.83 -12.63 -3.86
C ARG A 818 -17.18 -12.02 -3.55
N ASN A 819 -17.17 -10.77 -3.10
CA ASN A 819 -18.39 -10.06 -2.79
C ASN A 819 -19.11 -9.61 -4.07
N ASP A 820 -20.37 -9.21 -3.89
CA ASP A 820 -21.22 -8.83 -5.02
C ASP A 820 -20.58 -7.70 -5.84
N PHE A 821 -21.07 -7.57 -7.07
CA PHE A 821 -20.60 -6.51 -7.95
C PHE A 821 -20.91 -5.15 -7.36
N HIS A 822 -20.20 -4.12 -7.82
CA HIS A 822 -20.27 -2.78 -7.25
C HIS A 822 -20.71 -1.76 -8.31
N PRO A 823 -22.01 -1.67 -8.60
CA PRO A 823 -22.49 -0.67 -9.54
C PRO A 823 -22.17 0.73 -9.07
N LEU A 824 -21.94 1.64 -10.02
CA LEU A 824 -21.67 3.02 -9.68
C LEU A 824 -22.96 3.67 -9.18
N GLN A 825 -22.87 4.40 -8.08
CA GLN A 825 -24.05 5.03 -7.48
C GLN A 825 -23.79 6.48 -7.09
N GLY A 826 -24.67 7.37 -7.53
CA GLY A 826 -24.59 8.78 -7.17
C GLY A 826 -23.27 9.51 -7.38
N ASP A 827 -22.68 9.87 -6.24
CA ASP A 827 -21.43 10.65 -6.22
C ASP A 827 -20.41 10.12 -7.23
N GLU A 828 -20.08 8.83 -7.14
CA GLU A 828 -19.08 8.30 -8.07
C GLU A 828 -19.56 8.42 -9.51
N ILE A 829 -20.88 8.36 -9.74
CA ILE A 829 -21.39 8.54 -11.10
C ILE A 829 -21.03 9.94 -11.59
N PHE A 830 -21.46 10.95 -10.84
CA PHE A 830 -21.18 12.33 -11.22
C PHE A 830 -19.68 12.55 -11.39
N GLN A 831 -18.88 12.06 -10.45
CA GLN A 831 -17.43 12.24 -10.53
C GLN A 831 -16.86 11.65 -11.82
N SER A 832 -17.22 10.40 -12.12
CA SER A 832 -16.69 9.75 -13.31
C SER A 832 -17.20 10.39 -14.59
N LEU A 833 -18.43 10.88 -14.59
CA LEU A 833 -19.05 11.42 -15.79
C LEU A 833 -18.76 12.90 -16.02
N THR A 834 -18.27 13.62 -15.02
CA THR A 834 -18.04 15.05 -15.11
C THR A 834 -16.56 15.43 -15.09
N GLY A 835 -15.77 14.79 -14.24
CA GLY A 835 -14.36 15.14 -14.12
C GLY A 835 -14.05 16.30 -13.21
N GLU A 836 -15.03 16.82 -12.48
CA GLU A 836 -14.80 17.90 -11.52
C GLU A 836 -14.70 17.30 -10.12
N SER A 837 -13.60 17.59 -9.43
CA SER A 837 -13.37 17.04 -8.10
C SER A 837 -14.23 17.76 -7.07
N GLU A 838 -14.41 17.11 -5.92
CA GLU A 838 -15.16 17.72 -4.83
C GLU A 838 -14.48 18.97 -4.29
N LYS A 839 -13.19 19.16 -4.57
CA LYS A 839 -12.53 20.40 -4.20
C LYS A 839 -12.96 21.57 -5.06
N THR A 840 -13.63 21.30 -6.18
CA THR A 840 -14.05 22.32 -7.14
C THR A 840 -15.56 22.51 -7.15
N PHE A 841 -16.32 21.42 -7.15
CA PHE A 841 -17.78 21.46 -7.26
C PHE A 841 -18.35 20.71 -6.05
N PHE A 842 -18.72 21.46 -5.03
CA PHE A 842 -19.26 20.90 -3.79
C PHE A 842 -20.38 21.79 -3.28
N LYS A 843 -21.08 21.29 -2.26
CA LYS A 843 -22.18 22.03 -1.65
C LYS A 843 -21.70 23.36 -1.09
N GLY A 844 -22.18 24.46 -1.67
CA GLY A 844 -21.78 25.79 -1.27
C GLY A 844 -20.43 26.21 -1.82
N SER A 845 -20.31 26.25 -3.14
CA SER A 845 -19.10 26.67 -3.83
C SER A 845 -19.36 27.89 -4.70
N ILE A 846 -18.33 28.68 -4.91
CA ILE A 846 -18.38 29.86 -5.78
C ILE A 846 -17.54 29.54 -7.01
N ILE A 847 -18.16 29.55 -8.18
CA ILE A 847 -17.47 29.19 -9.41
C ILE A 847 -17.99 30.02 -10.58
N PRO A 848 -17.16 30.38 -11.55
CA PRO A 848 -17.68 31.10 -12.73
C PRO A 848 -18.62 30.21 -13.53
N VAL A 849 -19.76 30.77 -13.93
CA VAL A 849 -20.75 30.03 -14.69
C VAL A 849 -21.09 30.80 -15.96
N ARG A 850 -21.36 30.05 -17.02
CA ARG A 850 -21.71 30.59 -18.34
C ARG A 850 -23.22 30.65 -18.47
N VAL A 851 -23.80 31.83 -18.28
CA VAL A 851 -25.23 32.00 -18.52
C VAL A 851 -25.46 31.84 -20.01
N GLU A 852 -26.26 30.85 -20.39
CA GLU A 852 -26.43 30.50 -21.79
C GLU A 852 -27.87 30.61 -22.28
N ARG A 853 -28.85 30.22 -21.47
CA ARG A 853 -30.24 30.23 -21.90
C ARG A 853 -31.12 30.86 -20.83
N PHE A 854 -32.25 31.40 -21.30
CA PHE A 854 -33.27 32.02 -20.46
C PHE A 854 -34.53 31.18 -20.55
N TRP A 855 -35.18 30.96 -19.42
CA TRP A 855 -36.41 30.18 -19.36
C TRP A 855 -37.57 31.08 -18.98
N HIS A 856 -38.78 30.51 -19.02
CA HIS A 856 -40.02 31.20 -18.66
C HIS A 856 -39.87 32.06 -17.41
N ASN A 857 -39.10 31.60 -16.43
CA ASN A 857 -38.87 32.38 -15.23
C ASN A 857 -37.41 32.33 -14.76
N ASP A 858 -36.77 31.18 -14.90
CA ASP A 858 -35.40 31.00 -14.45
C ASP A 858 -34.40 31.22 -15.58
N ILE A 859 -33.13 31.17 -15.22
CA ILE A 859 -32.00 31.30 -16.14
C ILE A 859 -31.21 30.01 -16.10
N ILE A 860 -30.74 29.57 -17.26
CA ILE A 860 -30.01 28.32 -17.39
C ILE A 860 -28.56 28.67 -17.77
N CYS A 861 -27.62 28.20 -16.95
CA CYS A 861 -26.20 28.45 -17.14
C CYS A 861 -25.45 27.12 -17.22
N THR A 862 -24.15 27.22 -17.52
CA THR A 862 -23.29 26.05 -17.63
C THR A 862 -21.91 26.39 -17.09
N THR A 863 -21.23 25.37 -16.54
CA THR A 863 -19.91 25.52 -15.97
C THR A 863 -18.82 25.22 -17.00
N ASN A 864 -17.56 25.28 -16.53
CA ASN A 864 -16.42 25.00 -17.39
C ASN A 864 -16.36 23.56 -17.89
N SER A 865 -17.02 22.63 -17.20
CA SER A 865 -17.02 21.22 -17.61
C SER A 865 -18.41 20.74 -18.00
N GLU A 866 -19.22 21.65 -18.54
CA GLU A 866 -20.58 21.33 -18.98
C GLU A 866 -21.42 20.74 -17.86
N VAL A 867 -21.46 21.43 -16.73
CA VAL A 867 -22.34 21.08 -15.62
C VAL A 867 -23.52 22.03 -15.68
N GLU A 868 -24.73 21.47 -15.73
CA GLU A 868 -25.90 22.32 -15.81
C GLU A 868 -26.16 23.00 -14.47
N CYS A 869 -26.45 24.30 -14.53
CA CYS A 869 -26.73 25.10 -13.34
C CYS A 869 -27.96 25.97 -13.59
N VAL A 870 -28.85 26.00 -12.61
CA VAL A 870 -30.08 26.78 -12.66
C VAL A 870 -29.91 28.02 -11.78
N VAL A 871 -30.23 29.18 -12.34
CA VAL A 871 -30.18 30.44 -11.62
C VAL A 871 -31.63 30.86 -11.38
N ASN A 872 -32.09 30.66 -10.15
CA ASN A 872 -33.47 30.97 -9.81
C ASN A 872 -33.77 32.44 -10.01
N ALA A 873 -35.03 32.74 -10.37
CA ALA A 873 -35.43 34.11 -10.61
C ALA A 873 -35.07 35.02 -9.44
N GLN A 874 -35.22 34.52 -8.21
CA GLN A 874 -34.90 35.30 -7.03
C GLN A 874 -33.42 35.27 -6.67
N ARG A 875 -32.67 34.26 -7.11
CA ARG A 875 -31.26 34.12 -6.78
C ARG A 875 -30.36 35.03 -7.63
N HIS A 876 -30.96 35.93 -8.41
CA HIS A 876 -30.20 36.89 -9.21
C HIS A 876 -30.91 38.24 -9.23
N ALA A 877 -31.81 38.48 -8.28
CA ALA A 877 -32.61 39.70 -8.20
C ALA A 877 -33.47 39.91 -9.44
N GLY A 878 -33.80 38.83 -10.14
CA GLY A 878 -34.63 38.95 -11.32
C GLY A 878 -36.08 39.06 -10.88
N ALA A 879 -36.47 38.17 -9.98
CA ALA A 879 -37.81 38.21 -9.39
C ALA A 879 -37.90 39.26 -8.28
N GLN A 880 -36.77 39.73 -7.76
CA GLN A 880 -36.81 40.74 -6.71
C GLN A 880 -37.31 42.06 -7.25
N LEU A 881 -36.94 42.40 -8.48
CA LEU A 881 -37.40 43.60 -9.16
C LEU A 881 -38.39 43.20 -10.24
N ARG A 882 -38.91 44.19 -10.96
CA ARG A 882 -39.82 43.89 -12.06
C ARG A 882 -39.05 43.56 -13.34
N ARG A 883 -39.79 43.10 -14.34
CA ARG A 883 -39.31 42.80 -15.68
C ARG A 883 -38.44 41.55 -15.70
N PRO A 884 -38.32 40.88 -16.85
CA PRO A 884 -37.40 39.74 -16.94
C PRO A 884 -35.95 40.19 -17.00
N ALA A 885 -35.06 39.34 -16.51
CA ALA A 885 -33.63 39.65 -16.49
C ALA A 885 -32.93 39.31 -17.80
N ASN A 886 -33.63 38.74 -18.78
CA ASN A 886 -32.99 38.33 -20.02
C ASN A 886 -32.22 39.49 -20.63
N GLU A 887 -32.74 40.70 -20.51
CA GLU A 887 -32.06 41.89 -21.02
C GLU A 887 -30.84 42.27 -20.21
N ILE A 888 -30.67 41.69 -19.01
CA ILE A 888 -29.57 42.08 -18.13
C ILE A 888 -28.28 41.35 -18.50
N TYR A 889 -28.33 40.03 -18.58
CA TYR A 889 -27.15 39.21 -18.80
C TYR A 889 -26.88 39.00 -20.29
N GLU A 890 -25.59 38.86 -20.62
CA GLU A 890 -25.15 38.70 -22.01
C GLU A 890 -24.11 37.59 -22.10
N ILE A 891 -23.99 37.06 -23.32
CA ILE A 891 -23.02 36.02 -23.65
C ILE A 891 -21.65 36.65 -23.87
N GLY A 892 -20.60 35.90 -23.50
CA GLY A 892 -19.22 36.32 -23.63
C GLY A 892 -18.57 36.75 -22.35
N LYS A 893 -19.32 37.37 -21.44
CA LYS A 893 -18.79 37.78 -20.14
C LYS A 893 -18.93 36.61 -19.17
N THR A 894 -17.90 36.39 -18.37
CA THR A 894 -17.92 35.31 -17.38
C THR A 894 -18.56 35.86 -16.12
N TYR A 895 -19.64 35.22 -15.69
CA TYR A 895 -20.38 35.67 -14.52
C TYR A 895 -20.07 34.78 -13.32
N PRO A 896 -19.47 35.30 -12.25
CA PRO A 896 -19.24 34.46 -11.07
C PRO A 896 -20.57 34.16 -10.38
N ALA A 897 -20.64 32.98 -9.78
CA ALA A 897 -21.88 32.58 -9.10
C ALA A 897 -21.56 31.58 -8.00
N LYS A 898 -22.53 31.41 -7.11
CA LYS A 898 -22.42 30.54 -5.94
C LYS A 898 -23.42 29.41 -6.04
N VAL A 899 -22.92 28.17 -6.06
CA VAL A 899 -23.79 27.00 -6.10
C VAL A 899 -24.28 26.71 -4.68
N ILE A 900 -25.59 26.50 -4.56
CA ILE A 900 -26.22 26.27 -3.27
C ILE A 900 -26.69 24.83 -3.09
N TYR A 901 -27.09 24.15 -4.17
CA TYR A 901 -27.56 22.78 -4.10
C TYR A 901 -27.02 21.99 -5.28
N ILE A 902 -26.66 20.73 -5.02
CA ILE A 902 -26.10 19.84 -6.02
C ILE A 902 -26.82 18.50 -5.93
N ASP A 903 -27.20 17.95 -7.09
CA ASP A 903 -27.84 16.65 -7.19
C ASP A 903 -26.99 15.75 -8.08
N TYR A 904 -26.09 14.99 -7.45
CA TYR A 904 -25.24 14.07 -8.22
C TYR A 904 -26.07 13.02 -8.94
N ALA A 905 -27.14 12.54 -8.30
CA ALA A 905 -27.99 11.55 -8.93
C ALA A 905 -28.70 12.13 -10.14
N ASN A 906 -29.20 13.36 -10.03
CA ASN A 906 -29.90 14.01 -11.14
C ASN A 906 -28.96 14.84 -12.00
N ILE A 907 -27.70 14.99 -11.59
CA ILE A 907 -26.72 15.79 -12.30
C ILE A 907 -27.29 17.18 -12.61
N THR A 908 -27.53 17.97 -11.56
CA THR A 908 -28.03 19.32 -11.72
C THR A 908 -27.66 20.10 -10.46
N ALA A 909 -27.72 21.42 -10.57
CA ALA A 909 -27.38 22.26 -9.44
C ALA A 909 -28.20 23.54 -9.45
N GLU A 910 -28.32 24.14 -8.27
CA GLU A 910 -29.02 25.41 -8.08
C GLU A 910 -27.97 26.42 -7.64
N VAL A 911 -27.92 27.55 -8.31
CA VAL A 911 -26.85 28.52 -8.12
C VAL A 911 -27.44 29.89 -7.81
N SER A 912 -26.70 30.65 -6.97
CA SER A 912 -27.03 32.03 -6.69
C SER A 912 -26.09 32.94 -7.46
N LEU A 913 -26.65 33.93 -8.14
CA LEU A 913 -25.88 34.87 -8.95
C LEU A 913 -25.76 36.24 -8.31
N LEU A 914 -26.08 36.36 -7.01
CA LEU A 914 -26.06 37.63 -6.30
C LEU A 914 -24.77 37.81 -5.51
N ASP A 915 -24.22 39.03 -5.58
CA ASP A 915 -23.00 39.35 -4.84
C ASP A 915 -23.18 39.12 -3.35
N HIS A 916 -24.41 39.14 -2.86
CA HIS A 916 -24.75 38.86 -1.47
C HIS A 916 -23.97 37.65 -0.97
N ASP A 917 -23.86 36.62 -1.82
CA ASP A 917 -23.09 35.43 -1.53
C ASP A 917 -22.01 35.15 -2.55
N VAL A 918 -22.17 35.62 -3.79
CA VAL A 918 -21.21 35.33 -4.85
C VAL A 918 -19.92 36.12 -4.69
N LYS A 919 -19.96 37.27 -4.02
CA LYS A 919 -18.76 38.08 -3.87
C LYS A 919 -17.65 37.27 -3.20
N TYR A 922 -12.95 35.26 2.56
CA TYR A 922 -13.27 34.22 1.59
C TYR A 922 -12.17 33.17 1.51
N VAL A 923 -12.15 32.28 2.49
CA VAL A 923 -11.14 31.22 2.57
C VAL A 923 -11.84 29.93 2.98
N PRO A 924 -12.48 29.23 2.05
CA PRO A 924 -13.18 27.98 2.39
C PRO A 924 -12.27 26.88 2.92
N ILE A 925 -10.99 26.88 2.59
CA ILE A 925 -10.08 25.81 2.97
C ILE A 925 -8.99 26.37 3.88
N SER A 926 -8.66 25.61 4.93
CA SER A 926 -7.62 25.97 5.86
C SER A 926 -7.23 24.76 6.71
N TYR A 927 -5.92 24.50 6.85
CA TYR A 927 -5.45 23.46 7.76
C TYR A 927 -5.46 23.94 9.20
N SER A 928 -4.75 23.21 10.08
CA SER A 928 -4.65 23.61 11.47
C SER A 928 -4.05 25.01 11.60
N LYS A 929 -4.56 25.76 12.56
CA LYS A 929 -4.11 27.14 12.82
C LYS A 929 -3.65 27.33 14.26
N ASP A 930 -3.33 26.26 14.97
CA ASP A 930 -2.76 26.40 16.30
C ASP A 930 -1.35 26.98 16.18
N PRO A 931 -0.99 28.00 16.96
CA PRO A 931 0.34 28.62 16.80
C PRO A 931 1.50 27.64 16.83
N SER A 932 1.37 26.51 17.54
CA SER A 932 2.47 25.55 17.57
C SER A 932 2.40 24.59 16.39
N ILE A 933 1.22 24.03 16.13
CA ILE A 933 1.06 23.13 15.00
C ILE A 933 1.31 23.90 13.70
N TRP A 934 0.69 25.06 13.58
CA TRP A 934 0.85 25.97 12.45
C TRP A 934 1.32 27.32 12.98
N ASP A 935 2.36 27.87 12.37
CA ASP A 935 2.97 29.10 12.86
C ASP A 935 2.11 30.29 12.44
N LEU A 936 1.21 30.69 13.34
CA LEU A 936 0.41 31.89 13.10
C LEU A 936 1.27 33.15 13.12
N LYS A 937 2.31 33.17 13.96
CA LYS A 937 3.19 34.32 14.00
C LYS A 937 3.84 34.55 12.64
N GLN A 938 4.36 33.48 12.04
CA GLN A 938 4.93 33.58 10.71
C GLN A 938 3.90 34.05 9.69
N GLU A 939 2.69 33.52 9.74
CA GLU A 939 1.65 33.95 8.79
C GLU A 939 1.33 35.43 8.94
N LEU A 940 1.23 35.90 10.19
CA LEU A 940 0.94 37.31 10.42
C LEU A 940 2.09 38.19 9.97
N GLU A 941 3.34 37.78 10.24
CA GLU A 941 4.48 38.55 9.76
C GLU A 941 4.51 38.59 8.24
N ASP A 942 4.28 37.44 7.60
CA ASP A 942 4.26 37.36 6.14
C ASP A 942 3.06 38.08 5.54
N ALA A 943 2.08 38.46 6.37
CA ALA A 943 0.95 39.23 5.85
C ALA A 943 1.41 40.57 5.32
N GLU A 944 2.43 41.16 5.95
CA GLU A 944 2.97 42.42 5.44
C GLU A 944 3.70 42.18 4.13
N GLU A 945 4.38 41.04 3.99
CA GLU A 945 5.00 40.73 2.71
C GLU A 945 3.93 40.59 1.63
N GLU A 946 2.85 39.88 1.96
CA GLU A 946 1.73 39.71 1.03
C GLU A 946 1.18 41.07 0.61
N ARG A 947 1.18 42.03 1.52
CA ARG A 947 0.70 43.36 1.19
C ARG A 947 1.70 44.11 0.32
N LYS A 948 2.98 43.99 0.64
CA LYS A 948 4.04 44.67 -0.10
C LYS A 948 4.55 43.90 -1.30
N LEU A 949 4.27 42.58 -1.35
CA LEU A 949 4.79 41.75 -2.43
C LEU A 949 4.44 42.32 -3.81
N MET A 950 3.26 42.93 -3.93
CA MET A 950 2.85 43.47 -5.23
C MET A 950 3.80 44.55 -5.71
N MET A 951 4.25 45.42 -4.81
CA MET A 951 5.15 46.50 -5.18
C MET A 951 6.61 46.13 -4.97
N ALA A 952 6.91 45.13 -4.15
CA ALA A 952 8.28 44.74 -3.86
C ALA A 952 9.04 44.44 -5.15
#